data_6RJG
#
_entry.id   6RJG
#
_cell.length_a   1.00
_cell.length_b   1.00
_cell.length_c   1.00
_cell.angle_alpha   90.00
_cell.angle_beta   90.00
_cell.angle_gamma   90.00
#
_symmetry.space_group_name_H-M   'P 1'
#
loop_
_entity.id
_entity.type
_entity.pdbx_description
1 polymer AcrIIA6
2 polymer 'Cas 9'
3 polymer sgRNA
4 polymer tDNA59
5 polymer ntPAM
#
loop_
_entity_poly.entity_id
_entity_poly.type
_entity_poly.pdbx_seq_one_letter_code
_entity_poly.pdbx_strand_id
1 'polypeptide(L)'
;MKINDDIKELILEYMSRYFKFENDFYKLPGIKFTDANWQKFKNGGTDIEKMGAARVNAMLDCLFDDFELAMIGKAQTNYY
NDNSLKMNMPFYTYYDMFKKQQLLKWLKNNRDDVIGGTGRMYTASGNYIANAYLEVALESSSLGSGSYMLQMRFKDYSKG
QEPIPSGRQNRLEWIENNLENIR
;
A,B
2 'polypeptide(L)'
;MSDLVLGLDIGIGSVGVGILNKVTGEIIHKNSRIFPAAQAENNLVRRTNRQGRRLTRRKKHRRVRLNRLFEESGLITDFT
KISINLNPYQLRVKGLTDELSNEELFIALKNMVKHRGISYLDDASDDGNSSIGDYAQIVKENSKQLETKTPGQIQLERYQ
TYGQLRGDFTVEKDGKKHRLINVFPTSAYRSEALRILQTQQEFNPQITDEFINRYLEILTGKRKYYHGPGNEKSRTDYGR
YRTSGETLDNIFGILIGKCTFYPDEFRAAKASYTAQEFNLLNDLNNLTVPTETKKLSKEQKNQIINYVKNEKAMGPAKLF
KYIAKLLSCDVADIKGYRIDKSGKAEIHTFEAYRKMKTLETLDIEQMDRETLDKLAYVLTLNTEREGIQEALEHEFADGS
FSQKQVDELVQFRKANSSIFGKGWHNFSVKLMMELIPELYETSEEQMTILTRLGKQKTTSSSNKTKYIDEKLLTEEIYNP
VVAKSVRQAIKIVNAAIKEYGDFDNIVIEMARETNEDDEKKAIQKIQKANKDEKDAAMLKAANQYNGKAELPHSVFHGHK
QLATKIRLWHQQGERCLYTGKTISIHDLINNSNQFEVDHILPLSITFDDSLANKVLVYATANQEKGQRTPYQALDSMDDA
WSFRELKAFVRESKTLSNKKKEYLLTEEDISKFDVRKKFIERNLVDTRYASRVVLNALQEHFRAHKIDTKVSVVRGQFTS
QLRRHWGIEKTRDTYHHHAVDALIIAASSQLNLWKKQKNTLVSYSEDQLLDIETGELISDDEYKESVFKAPYQHFVDTLK
SKEFEDSILFSYQVDSKFNRKISDATIYATRQAKVGKDKADETYVLGKIKDIYTQDGYDAFMKIYKKDKSKFLMYRHDPQ
TFEKVIEPILENYPNKQINEKGKEVPCNPFLKYKEEHGYIRKYSKKGNGPEIKSLKYYDSKLGNHIDITPKDSNNKVVLQ
SVSPWRADVYFNKTTGKYEILGLKYADLQFEKGTGTYKISQEKYNDIKKKEGVDSDSEFKFTLYKNDLLLVKDTETKEQQ
LFRFLSRTMPKQKHYVELKPYDKQKFEGGEALIKVLGNVANSGQCKKGLGKSNISIYKVRTDVLGNQHIIKNEGDKPKLD
F
;
C
3 'polyribonucleotide'
;GUUGCGUUGAUAAAAGUAUUGUUUUUGUACUCUCAAGAUUCAAUAAUCUUGCAGAAGCUACAAAGAUAAGGCUUCAUGCC
GAAAUCAACACCCUGUCAUUUUAUGGCAGGGUGUUUU
;
D
4 'polydeoxyribonucleotide'
;(DA)(DT)(DG)(DG)(DT)(DT)(DC)(DT)(DG)(DG)(DT)(DT)(DT)(DC)(DA)(DT)(DT)(DT)(DT)(DC)
(DT)(DG)(DC)(DA)(DA)(DT)(DA)(DC)(DT)(DT)(DT)(DT)(DA)(DT)(DC)(DA)(DA)(DC)(DG)(DC)
(DA)(DA)(DG)(DA)(DG)(DG)(DT)(DG)(DC)(DT)(DT)(DC)(DT)(DG)(DT)(DT)(DA)(DT)(DG)
;
E
5 'polydeoxyribonucleotide'
;(DG)(DC)(DA)(DG)(DA)(DA)(DA)(DA)(DT)(DG)(DA)(DA)(DA)(DC)(DC)(DA)(DG)(DA)(DA)(DC)
(DC)(DA)(DT)
;
G
#
loop_
_chem_comp.id
_chem_comp.type
_chem_comp.name
_chem_comp.formula
A RNA linking ADENOSINE-5'-MONOPHOSPHATE 'C10 H14 N5 O7 P'
C RNA linking CYTIDINE-5'-MONOPHOSPHATE 'C9 H14 N3 O8 P'
DA DNA linking 2'-DEOXYADENOSINE-5'-MONOPHOSPHATE 'C10 H14 N5 O6 P'
DC DNA linking 2'-DEOXYCYTIDINE-5'-MONOPHOSPHATE 'C9 H14 N3 O7 P'
DG DNA linking 2'-DEOXYGUANOSINE-5'-MONOPHOSPHATE 'C10 H14 N5 O7 P'
DT DNA linking THYMIDINE-5'-MONOPHOSPHATE 'C10 H15 N2 O8 P'
G RNA linking GUANOSINE-5'-MONOPHOSPHATE 'C10 H14 N5 O8 P'
U RNA linking URIDINE-5'-MONOPHOSPHATE 'C9 H13 N2 O9 P'
#
# COMPACT_ATOMS: atom_id res chain seq x y z
N MET A 1 31.11 22.12 -15.96
CA MET A 1 30.44 23.38 -15.72
C MET A 1 31.34 24.29 -14.91
N LYS A 2 31.13 25.59 -15.04
CA LYS A 2 31.89 26.55 -14.26
C LYS A 2 30.91 27.44 -13.49
N ILE A 3 31.42 28.05 -12.42
CA ILE A 3 30.57 28.55 -11.35
C ILE A 3 30.71 30.07 -11.30
N ASN A 4 29.58 30.76 -11.37
CA ASN A 4 29.52 32.21 -11.29
C ASN A 4 28.14 32.60 -10.77
N ASP A 5 27.76 33.87 -10.94
CA ASP A 5 26.51 34.40 -10.38
C ASP A 5 25.26 33.80 -11.01
N ASP A 6 25.37 33.32 -12.25
CA ASP A 6 24.23 32.67 -12.89
C ASP A 6 23.84 31.39 -12.17
N ILE A 7 24.82 30.71 -11.58
CA ILE A 7 24.52 29.53 -10.79
C ILE A 7 23.81 29.92 -9.51
N LYS A 8 24.10 31.09 -8.95
CA LYS A 8 23.36 31.56 -7.77
C LYS A 8 21.91 31.85 -8.10
N GLU A 9 21.66 32.52 -9.24
CA GLU A 9 20.29 32.79 -9.65
C GLU A 9 19.53 31.50 -9.97
N LEU A 10 20.21 30.52 -10.56
CA LEU A 10 19.58 29.25 -10.90
C LEU A 10 19.24 28.44 -9.65
N ILE A 11 20.14 28.46 -8.66
CA ILE A 11 19.89 27.76 -7.40
C ILE A 11 18.72 28.40 -6.66
N LEU A 12 18.67 29.74 -6.61
CA LEU A 12 17.56 30.39 -5.91
C LEU A 12 16.23 30.17 -6.62
N GLU A 13 16.23 30.14 -7.95
CA GLU A 13 15.00 29.90 -8.69
C GLU A 13 14.47 28.49 -8.46
N TYR A 14 15.34 27.48 -8.51
CA TYR A 14 14.86 26.12 -8.31
C TYR A 14 14.53 25.83 -6.85
N MET A 15 15.18 26.53 -5.92
CA MET A 15 14.82 26.40 -4.51
C MET A 15 13.42 26.95 -4.26
N SER A 16 13.09 28.10 -4.85
CA SER A 16 11.72 28.60 -4.73
C SER A 16 10.74 27.73 -5.48
N ARG A 17 11.19 27.02 -6.51
CA ARG A 17 10.31 26.17 -7.31
C ARG A 17 9.88 24.94 -6.53
N TYR A 18 10.81 24.26 -5.86
CA TYR A 18 10.47 22.96 -5.27
C TYR A 18 9.99 23.05 -3.83
N PHE A 19 10.39 24.07 -3.08
CA PHE A 19 10.14 24.14 -1.65
C PHE A 19 9.10 25.19 -1.31
N LYS A 20 8.20 24.85 -0.39
CA LYS A 20 7.16 25.77 0.06
C LYS A 20 7.70 26.86 0.97
N PHE A 21 8.52 26.48 1.94
CA PHE A 21 9.16 27.41 2.86
C PHE A 21 10.67 27.36 2.67
N GLU A 22 11.34 28.46 2.97
CA GLU A 22 12.75 28.59 2.63
C GLU A 22 13.65 27.84 3.59
N ASN A 23 13.23 27.71 4.86
CA ASN A 23 14.08 27.17 5.92
C ASN A 23 14.46 25.72 5.67
N ASP A 24 13.60 24.97 4.96
CA ASP A 24 13.91 23.58 4.61
C ASP A 24 15.20 23.47 3.82
N PHE A 25 15.34 24.23 2.74
CA PHE A 25 16.48 24.01 1.86
C PHE A 25 17.81 24.44 2.48
N TYR A 26 17.83 25.33 3.45
CA TYR A 26 19.11 25.85 3.92
C TYR A 26 19.54 25.27 5.26
N LYS A 27 18.89 24.22 5.73
CA LYS A 27 19.35 23.54 6.93
C LYS A 27 19.63 22.06 6.67
N LEU A 28 19.63 21.65 5.41
CA LEU A 28 19.89 20.27 5.03
C LEU A 28 21.29 19.84 5.44
N PRO A 29 21.49 18.55 5.72
CA PRO A 29 22.80 18.09 6.18
C PRO A 29 23.86 18.03 5.10
N GLY A 30 24.53 19.15 4.86
CA GLY A 30 25.54 19.23 3.83
C GLY A 30 25.60 20.63 3.29
N ILE A 31 24.52 21.39 3.48
CA ILE A 31 24.52 22.81 3.16
C ILE A 31 24.74 23.60 4.44
N LYS A 32 23.78 23.54 5.36
CA LYS A 32 23.90 23.98 6.75
C LYS A 32 24.28 25.45 6.85
N PHE A 33 23.38 26.30 6.40
CA PHE A 33 23.54 27.73 6.57
C PHE A 33 23.01 28.14 7.93
N THR A 34 23.30 29.37 8.32
CA THR A 34 22.59 30.03 9.41
C THR A 34 21.65 31.05 8.81
N ASP A 35 20.97 31.80 9.66
CA ASP A 35 19.98 32.74 9.13
C ASP A 35 20.63 33.99 8.58
N ALA A 36 21.62 34.52 9.31
CA ALA A 36 22.30 35.73 8.88
C ALA A 36 23.13 35.49 7.62
N ASN A 37 23.79 34.33 7.56
CA ASN A 37 24.58 34.00 6.38
C ASN A 37 23.69 33.69 5.18
N TRP A 38 22.48 33.16 5.41
CA TRP A 38 21.56 32.97 4.30
C TRP A 38 21.04 34.30 3.78
N GLN A 39 20.80 35.25 4.67
CA GLN A 39 20.39 36.58 4.22
C GLN A 39 21.53 37.29 3.49
N LYS A 40 22.78 37.01 3.87
CA LYS A 40 23.90 37.55 3.12
C LYS A 40 24.05 36.87 1.77
N PHE A 41 23.77 35.56 1.70
CA PHE A 41 23.92 34.83 0.44
C PHE A 41 22.84 35.20 -0.57
N LYS A 42 21.62 35.40 -0.10
CA LYS A 42 20.52 35.70 -1.03
C LYS A 42 20.61 37.12 -1.58
N ASN A 43 21.17 38.05 -0.83
CA ASN A 43 21.25 39.45 -1.25
C ASN A 43 22.50 39.77 -2.07
N GLY A 44 23.25 38.77 -2.51
CA GLY A 44 24.43 39.03 -3.30
C GLY A 44 25.62 39.50 -2.52
N GLY A 45 25.61 39.35 -1.20
CA GLY A 45 26.78 39.71 -0.41
C GLY A 45 27.94 38.76 -0.62
N THR A 46 27.70 37.46 -0.42
CA THR A 46 28.72 36.45 -0.59
C THR A 46 28.75 36.00 -2.04
N ASP A 47 29.95 35.88 -2.61
CA ASP A 47 30.12 35.53 -4.01
C ASP A 47 30.30 34.03 -4.16
N ILE A 48 29.56 33.42 -5.08
CA ILE A 48 29.75 31.99 -5.28
C ILE A 48 30.82 31.82 -6.35
N GLU A 49 32.06 32.08 -5.96
CA GLU A 49 33.24 31.63 -6.68
C GLU A 49 34.30 31.11 -5.74
N LYS A 50 34.29 31.54 -4.48
CA LYS A 50 35.31 31.20 -3.50
C LYS A 50 34.70 30.57 -2.25
N MET A 51 33.47 30.09 -2.34
CA MET A 51 32.89 29.30 -1.27
C MET A 51 33.49 27.90 -1.28
N GLY A 52 33.08 27.08 -0.32
CA GLY A 52 33.55 25.71 -0.27
C GLY A 52 33.04 24.91 -1.44
N ALA A 53 33.86 23.96 -1.88
CA ALA A 53 33.46 23.13 -3.01
C ALA A 53 32.36 22.17 -2.60
N ALA A 54 32.43 21.64 -1.39
CA ALA A 54 31.47 20.64 -0.94
C ALA A 54 30.09 21.23 -0.73
N ARG A 55 30.01 22.45 -0.20
CA ARG A 55 28.72 23.05 0.08
C ARG A 55 27.99 23.45 -1.19
N VAL A 56 28.71 24.06 -2.13
CA VAL A 56 28.13 24.42 -3.43
C VAL A 56 27.72 23.18 -4.21
N ASN A 57 28.54 22.12 -4.16
CA ASN A 57 28.19 20.91 -4.87
C ASN A 57 27.02 20.18 -4.22
N ALA A 58 26.84 20.31 -2.90
CA ALA A 58 25.67 19.71 -2.27
C ALA A 58 24.40 20.48 -2.61
N MET A 59 24.51 21.82 -2.69
CA MET A 59 23.38 22.63 -3.13
C MET A 59 23.00 22.31 -4.56
N LEU A 60 23.99 22.06 -5.41
CA LEU A 60 23.70 21.71 -6.79
C LEU A 60 23.14 20.31 -6.91
N ASP A 61 23.55 19.41 -6.02
CA ASP A 61 23.16 18.01 -6.16
C ASP A 61 21.76 17.77 -5.61
N CYS A 62 21.34 18.54 -4.59
CA CYS A 62 19.99 18.33 -4.06
C CYS A 62 18.92 18.81 -5.02
N LEU A 63 19.17 19.90 -5.74
CA LEU A 63 18.14 20.50 -6.58
C LEU A 63 18.03 19.80 -7.93
N PHE A 64 19.15 19.40 -8.51
CA PHE A 64 19.16 18.88 -9.87
C PHE A 64 19.42 17.38 -9.88
N ASP A 65 19.01 16.74 -10.96
CA ASP A 65 19.39 15.37 -11.24
C ASP A 65 20.75 15.34 -11.93
N ASP A 66 21.31 14.15 -12.09
CA ASP A 66 22.69 14.06 -12.57
C ASP A 66 22.79 14.22 -14.08
N PHE A 67 21.79 13.74 -14.82
CA PHE A 67 21.69 14.08 -16.22
C PHE A 67 21.41 15.57 -16.39
N GLU A 68 20.67 16.17 -15.46
CA GLU A 68 20.46 17.61 -15.50
C GLU A 68 21.75 18.37 -15.20
N LEU A 69 22.67 17.79 -14.43
CA LEU A 69 23.96 18.46 -14.22
C LEU A 69 24.80 18.42 -15.48
N ALA A 70 24.74 17.30 -16.22
CA ALA A 70 25.38 17.27 -17.54
C ALA A 70 24.77 18.31 -18.48
N MET A 71 23.44 18.49 -18.39
CA MET A 71 22.79 19.51 -19.21
C MET A 71 23.13 20.93 -18.76
N ILE A 72 23.42 21.15 -17.47
CA ILE A 72 23.93 22.45 -17.02
C ILE A 72 25.26 22.76 -17.69
N GLY A 73 26.16 21.77 -17.70
CA GLY A 73 27.45 21.95 -18.36
C GLY A 73 27.32 22.28 -19.84
N LYS A 74 26.53 21.49 -20.57
CA LYS A 74 26.33 21.74 -21.99
C LYS A 74 25.64 23.08 -22.27
N ALA A 75 24.64 23.42 -21.44
CA ALA A 75 23.95 24.71 -21.55
C ALA A 75 24.91 25.88 -21.41
N GLN A 76 25.73 25.87 -20.35
CA GLN A 76 26.72 26.91 -20.14
C GLN A 76 27.70 27.02 -21.31
N THR A 77 28.15 25.89 -21.84
CA THR A 77 29.02 25.91 -23.02
C THR A 77 28.33 26.54 -24.23
N ASN A 78 27.06 26.19 -24.46
CA ASN A 78 26.34 26.73 -25.59
C ASN A 78 25.90 28.17 -25.38
N TYR A 79 25.84 28.62 -24.13
CA TYR A 79 25.26 29.92 -23.81
C TYR A 79 26.30 31.01 -23.70
N TYR A 80 27.53 30.66 -23.31
CA TYR A 80 28.54 31.71 -23.24
C TYR A 80 29.12 32.05 -24.61
N ASN A 81 28.88 31.21 -25.60
CA ASN A 81 29.00 31.62 -27.00
C ASN A 81 27.65 32.20 -27.44
N ASP A 82 27.60 32.74 -28.66
CA ASP A 82 26.38 33.20 -29.34
C ASP A 82 25.63 34.24 -28.51
N ASN A 83 26.26 35.42 -28.40
CA ASN A 83 25.86 36.39 -27.38
C ASN A 83 24.50 37.12 -27.64
N SER A 84 23.67 36.77 -28.62
CA SER A 84 22.30 37.29 -28.64
C SER A 84 21.48 36.71 -27.48
N LEU A 85 21.72 35.44 -27.15
CA LEU A 85 21.11 34.83 -25.98
C LEU A 85 21.59 35.50 -24.70
N LYS A 86 22.87 35.88 -24.65
CA LYS A 86 23.36 36.63 -23.50
C LYS A 86 22.86 38.06 -23.49
N MET A 87 22.39 38.57 -24.64
CA MET A 87 21.77 39.88 -24.65
C MET A 87 20.32 39.81 -24.21
N ASN A 88 19.65 38.68 -24.38
CA ASN A 88 18.20 38.69 -24.44
C ASN A 88 17.56 38.27 -23.12
N MET A 89 17.84 37.07 -22.64
CA MET A 89 17.15 36.49 -21.49
C MET A 89 18.14 35.93 -20.48
N PRO A 90 17.74 35.78 -19.22
CA PRO A 90 18.66 35.23 -18.21
C PRO A 90 18.77 33.71 -18.31
N PHE A 91 19.76 33.19 -17.59
CA PHE A 91 20.29 31.85 -17.83
C PHE A 91 19.29 30.74 -17.51
N TYR A 92 18.42 30.95 -16.51
CA TYR A 92 17.51 29.87 -16.12
C TYR A 92 16.40 29.67 -17.14
N THR A 93 15.99 30.74 -17.83
CA THR A 93 15.00 30.59 -18.90
C THR A 93 15.60 29.81 -20.06
N TYR A 94 16.87 30.08 -20.38
CA TYR A 94 17.56 29.32 -21.41
C TYR A 94 17.77 27.87 -21.01
N TYR A 95 18.01 27.62 -19.71
CA TYR A 95 18.16 26.25 -19.24
C TYR A 95 16.87 25.48 -19.36
N ASP A 96 15.74 26.13 -19.08
CA ASP A 96 14.45 25.48 -19.24
C ASP A 96 14.15 25.19 -20.69
N MET A 97 14.50 26.12 -21.60
CA MET A 97 14.29 25.87 -23.03
C MET A 97 15.12 24.71 -23.54
N PHE A 98 16.36 24.60 -23.06
CA PHE A 98 17.25 23.51 -23.46
C PHE A 98 16.71 22.15 -23.02
N LYS A 99 16.34 22.01 -21.74
CA LYS A 99 15.87 20.70 -21.29
C LYS A 99 14.47 20.37 -21.82
N LYS A 100 13.63 21.38 -22.08
CA LYS A 100 12.34 21.12 -22.68
C LYS A 100 12.49 20.61 -24.11
N GLN A 101 13.42 21.18 -24.88
CA GLN A 101 13.59 20.66 -26.23
C GLN A 101 14.29 19.31 -26.25
N GLN A 102 15.07 19.00 -25.21
CA GLN A 102 15.58 17.64 -25.06
C GLN A 102 14.45 16.64 -24.81
N LEU A 103 13.47 17.02 -24.00
CA LEU A 103 12.30 16.16 -23.79
C LEU A 103 11.49 15.99 -25.06
N LEU A 104 11.38 17.04 -25.88
CA LEU A 104 10.69 16.92 -27.17
C LEU A 104 11.41 15.96 -28.11
N LYS A 105 12.74 15.96 -28.10
CA LYS A 105 13.48 14.97 -28.89
C LYS A 105 13.28 13.56 -28.37
N TRP A 106 13.19 13.39 -27.03
CA TRP A 106 12.91 12.09 -26.44
C TRP A 106 11.53 11.59 -26.84
N LEU A 107 10.54 12.47 -26.85
CA LEU A 107 9.19 12.06 -27.20
C LEU A 107 9.05 11.81 -28.68
N LYS A 108 9.86 12.48 -29.51
CA LYS A 108 9.75 12.27 -30.94
C LYS A 108 10.39 10.96 -31.36
N ASN A 109 11.63 10.72 -30.93
CA ASN A 109 12.37 9.58 -31.45
C ASN A 109 11.85 8.25 -30.93
N ASN A 110 11.85 8.06 -29.61
CA ASN A 110 11.49 6.78 -28.99
C ASN A 110 10.40 6.96 -27.93
N ARG A 111 9.16 6.81 -28.35
CA ARG A 111 7.99 7.01 -27.49
C ARG A 111 7.62 5.78 -26.68
N ASP A 112 8.35 4.69 -26.82
CA ASP A 112 8.00 3.45 -26.15
C ASP A 112 8.71 3.27 -24.83
N ASP A 113 9.70 4.12 -24.54
CA ASP A 113 10.59 3.92 -23.43
C ASP A 113 10.46 5.00 -22.37
N VAL A 114 9.72 6.06 -22.67
CA VAL A 114 9.56 7.19 -21.75
C VAL A 114 8.60 6.75 -20.65
N ILE A 115 9.10 6.59 -19.43
CA ILE A 115 8.25 6.32 -18.29
C ILE A 115 8.35 7.50 -17.33
N GLY A 116 7.43 7.54 -16.37
CA GLY A 116 7.37 8.65 -15.46
C GLY A 116 7.07 8.24 -14.04
N GLY A 117 6.86 9.21 -13.15
CA GLY A 117 6.50 8.86 -11.79
C GLY A 117 6.45 10.09 -10.92
N THR A 118 6.00 9.87 -9.70
CA THR A 118 5.89 10.92 -8.69
C THR A 118 7.25 11.04 -8.01
N GLY A 119 7.55 12.23 -7.48
CA GLY A 119 8.85 12.42 -6.90
C GLY A 119 8.77 13.03 -5.53
N ARG A 120 9.33 12.31 -4.57
CA ARG A 120 9.32 12.64 -3.15
C ARG A 120 10.66 13.25 -2.77
N MET A 121 10.62 14.38 -2.08
CA MET A 121 11.83 15.13 -1.76
C MET A 121 11.96 15.28 -0.25
N TYR A 122 13.13 14.94 0.28
CA TYR A 122 13.36 15.03 1.72
C TYR A 122 13.74 16.44 2.11
N THR A 123 13.14 16.94 3.19
CA THR A 123 13.45 18.25 3.72
C THR A 123 14.45 18.13 4.87
N ALA A 124 14.67 19.23 5.57
CA ALA A 124 15.68 19.29 6.62
C ALA A 124 15.15 18.93 7.98
N SER A 125 13.88 18.62 8.08
CA SER A 125 13.27 18.31 9.36
C SER A 125 13.15 16.82 9.58
N GLY A 126 13.61 16.01 8.63
CA GLY A 126 13.43 14.59 8.67
C GLY A 126 12.29 14.07 7.80
N ASN A 127 11.40 14.95 7.40
CA ASN A 127 10.18 14.60 6.69
C ASN A 127 10.40 14.64 5.20
N TYR A 128 9.52 13.99 4.46
CA TYR A 128 9.56 14.16 3.02
C TYR A 128 8.30 14.86 2.54
N ILE A 129 8.37 15.33 1.30
CA ILE A 129 7.27 15.99 0.63
C ILE A 129 6.78 15.03 -0.43
N ALA A 130 5.63 14.41 -0.20
CA ALA A 130 5.04 13.57 -1.22
C ALA A 130 4.52 14.45 -2.35
N ASN A 131 4.73 14.00 -3.59
CA ASN A 131 4.43 14.75 -4.81
C ASN A 131 5.14 16.10 -4.86
N ALA A 132 6.47 16.04 -4.81
CA ALA A 132 7.25 17.26 -4.95
C ALA A 132 7.54 17.58 -6.40
N TYR A 133 7.77 16.58 -7.26
CA TYR A 133 7.95 16.88 -8.68
C TYR A 133 7.45 15.72 -9.52
N LEU A 134 7.52 15.87 -10.83
CA LEU A 134 7.19 14.84 -11.80
C LEU A 134 8.47 14.39 -12.48
N GLU A 135 8.86 13.13 -12.29
CA GLU A 135 10.11 12.65 -12.86
C GLU A 135 9.84 11.83 -14.11
N VAL A 136 10.70 12.02 -15.12
CA VAL A 136 10.59 11.35 -16.41
C VAL A 136 11.91 10.66 -16.66
N ALA A 137 11.88 9.48 -17.26
CA ALA A 137 13.08 8.69 -17.44
C ALA A 137 12.94 7.83 -18.68
N LEU A 138 14.06 7.26 -19.11
CA LEU A 138 14.07 6.31 -20.21
C LEU A 138 14.25 4.92 -19.62
N GLU A 139 13.36 4.00 -20.02
CA GLU A 139 13.39 2.67 -19.43
C GLU A 139 14.59 1.86 -19.91
N SER A 140 15.05 2.10 -21.13
CA SER A 140 16.12 1.31 -21.69
C SER A 140 17.49 1.61 -21.08
N SER A 141 17.65 2.78 -20.48
CA SER A 141 18.89 3.14 -19.79
C SER A 141 18.75 2.97 -18.28
N SER A 142 18.56 1.73 -17.86
CA SER A 142 18.17 1.42 -16.50
C SER A 142 19.27 0.63 -15.81
N LEU A 143 19.93 1.25 -14.85
CA LEU A 143 20.88 0.52 -14.04
C LEU A 143 20.13 -0.31 -13.01
N GLY A 144 20.85 -1.21 -12.34
CA GLY A 144 20.22 -2.03 -11.33
C GLY A 144 19.86 -1.22 -10.09
N SER A 145 18.91 -1.77 -9.33
CA SER A 145 18.36 -1.30 -8.05
C SER A 145 17.36 -0.16 -8.23
N GLY A 146 16.90 0.10 -9.45
CA GLY A 146 15.95 1.16 -9.73
C GLY A 146 16.53 2.51 -10.07
N SER A 147 17.86 2.64 -10.14
CA SER A 147 18.46 3.86 -10.62
C SER A 147 18.35 3.91 -12.14
N TYR A 148 18.36 5.12 -12.69
CA TYR A 148 18.30 5.30 -14.13
C TYR A 148 19.40 6.26 -14.56
N MET A 149 19.99 6.01 -15.72
CA MET A 149 21.08 6.85 -16.18
C MET A 149 20.60 8.15 -16.82
N LEU A 150 19.49 8.12 -17.53
CA LEU A 150 18.94 9.30 -18.18
C LEU A 150 17.60 9.64 -17.53
N GLN A 151 17.49 10.84 -16.99
CA GLN A 151 16.38 11.18 -16.12
C GLN A 151 16.28 12.70 -16.01
N MET A 152 15.06 13.22 -15.98
CA MET A 152 14.81 14.64 -15.82
C MET A 152 13.65 14.86 -14.85
N ARG A 153 13.57 16.07 -14.30
CA ARG A 153 12.47 16.44 -13.42
C ARG A 153 11.73 17.64 -13.98
N PHE A 154 10.43 17.70 -13.71
CA PHE A 154 9.63 18.83 -14.13
C PHE A 154 8.66 19.17 -13.01
N LYS A 155 8.11 20.38 -13.07
CA LYS A 155 7.15 20.87 -12.08
C LYS A 155 5.93 21.40 -12.82
N ASP A 156 4.78 20.78 -12.63
CA ASP A 156 3.59 21.17 -13.36
C ASP A 156 2.92 22.38 -12.75
N TYR A 157 2.49 23.32 -13.59
CA TYR A 157 1.86 24.56 -13.16
C TYR A 157 0.42 24.67 -13.66
N SER A 158 -0.28 23.56 -13.82
CA SER A 158 -1.65 23.56 -14.31
C SER A 158 -2.60 24.13 -13.26
N LYS A 159 -3.71 24.71 -13.71
CA LYS A 159 -4.62 25.39 -12.81
C LYS A 159 -5.85 24.59 -12.38
N GLY A 160 -6.22 23.53 -13.09
CA GLY A 160 -7.38 22.77 -12.68
C GLY A 160 -7.11 21.87 -11.50
N GLN A 161 -8.18 21.50 -10.80
CA GLN A 161 -8.07 20.65 -9.62
C GLN A 161 -8.31 19.18 -9.99
N GLU A 162 -7.31 18.60 -10.64
CA GLU A 162 -7.32 17.18 -10.96
C GLU A 162 -5.89 16.70 -11.16
N PRO A 163 -5.47 15.63 -10.49
CA PRO A 163 -4.07 15.22 -10.51
C PRO A 163 -3.70 14.47 -11.79
N ILE A 164 -2.44 14.04 -11.84
CA ILE A 164 -1.88 13.33 -12.98
C ILE A 164 -2.20 11.86 -12.81
N PRO A 165 -2.75 11.20 -13.82
CA PRO A 165 -3.16 9.81 -13.67
C PRO A 165 -1.99 8.84 -13.68
N SER A 166 -2.20 7.69 -13.04
CA SER A 166 -1.20 6.63 -13.04
C SER A 166 -1.35 5.77 -14.29
N GLY A 167 -0.53 4.75 -14.41
CA GLY A 167 -0.45 3.99 -15.63
C GLY A 167 0.52 4.62 -16.62
N ARG A 168 1.01 3.80 -17.55
CA ARG A 168 1.98 4.32 -18.51
C ARG A 168 1.28 5.12 -19.60
N GLN A 169 0.24 4.53 -20.20
CA GLN A 169 -0.52 5.18 -21.26
C GLN A 169 -1.10 6.52 -20.81
N ASN A 170 -1.67 6.55 -19.61
CA ASN A 170 -2.41 7.72 -19.17
C ASN A 170 -1.47 8.86 -18.82
N ARG A 171 -0.35 8.54 -18.18
CA ARG A 171 0.62 9.57 -17.81
C ARG A 171 1.32 10.12 -19.03
N LEU A 172 1.68 9.26 -19.98
CA LEU A 172 2.34 9.75 -21.19
C LEU A 172 1.36 10.52 -22.08
N GLU A 173 0.07 10.18 -22.03
CA GLU A 173 -0.96 11.02 -22.64
C GLU A 173 -1.05 12.38 -21.94
N TRP A 174 -0.89 12.42 -20.62
CA TRP A 174 -1.04 13.68 -19.90
C TRP A 174 0.12 14.62 -20.21
N ILE A 175 1.33 14.09 -20.36
CA ILE A 175 2.50 14.95 -20.55
C ILE A 175 2.42 15.66 -21.90
N GLU A 176 1.93 14.98 -22.93
CA GLU A 176 1.90 15.58 -24.27
C GLU A 176 0.87 16.68 -24.41
N ASN A 177 -0.20 16.64 -23.62
CA ASN A 177 -1.17 17.74 -23.69
C ASN A 177 -0.67 18.96 -22.95
N ASN A 178 -0.28 18.80 -21.69
CA ASN A 178 0.15 19.93 -20.87
C ASN A 178 1.67 20.12 -20.95
N LEU A 179 2.17 20.32 -22.17
CA LEU A 179 3.60 20.57 -22.33
C LEU A 179 4.00 21.98 -21.91
N GLU A 180 3.20 22.99 -22.25
CA GLU A 180 3.54 24.34 -21.83
C GLU A 180 3.02 24.68 -20.44
N ASN A 181 2.45 23.72 -19.72
CA ASN A 181 2.14 23.90 -18.32
C ASN A 181 3.24 23.38 -17.42
N ILE A 182 3.94 22.33 -17.82
CA ILE A 182 5.05 21.83 -17.01
C ILE A 182 6.24 22.76 -17.22
N ARG A 183 6.98 23.01 -16.15
CA ARG A 183 8.05 24.00 -16.21
C ARG A 183 9.39 23.39 -15.81
N MET B 1 27.21 14.88 -7.92
CA MET B 1 28.36 14.28 -7.25
C MET B 1 28.80 15.12 -6.06
N LYS B 2 29.50 14.47 -5.12
CA LYS B 2 30.02 15.14 -3.95
C LYS B 2 31.53 14.96 -3.89
N ILE B 3 32.16 15.84 -3.13
CA ILE B 3 33.60 16.08 -3.26
C ILE B 3 34.26 15.68 -1.95
N ASN B 4 35.25 14.81 -2.03
CA ASN B 4 36.04 14.37 -0.89
C ASN B 4 37.42 13.96 -1.39
N ASP B 5 38.17 13.23 -0.57
CA ASP B 5 39.56 12.88 -0.87
C ASP B 5 39.68 11.91 -2.04
N ASP B 6 38.62 11.15 -2.32
CA ASP B 6 38.63 10.25 -3.46
C ASP B 6 38.68 11.01 -4.77
N ILE B 7 38.08 12.21 -4.80
CA ILE B 7 38.15 13.06 -5.99
C ILE B 7 39.57 13.59 -6.18
N LYS B 8 40.30 13.80 -5.08
CA LYS B 8 41.70 14.19 -5.20
C LYS B 8 42.52 13.06 -5.80
N GLU B 9 42.25 11.82 -5.36
CA GLU B 9 42.95 10.67 -5.91
C GLU B 9 42.63 10.48 -7.39
N LEU B 10 41.38 10.75 -7.77
CA LEU B 10 40.94 10.60 -9.16
C LEU B 10 41.58 11.66 -10.05
N ILE B 11 41.68 12.89 -9.55
CA ILE B 11 42.30 13.98 -10.29
C ILE B 11 43.79 13.71 -10.52
N LEU B 12 44.49 13.26 -9.46
CA LEU B 12 45.92 12.98 -9.61
C LEU B 12 46.18 11.82 -10.57
N GLU B 13 45.34 10.78 -10.52
CA GLU B 13 45.49 9.64 -11.42
C GLU B 13 45.23 10.02 -12.88
N TYR B 14 44.16 10.78 -13.14
CA TYR B 14 43.89 11.11 -14.53
C TYR B 14 44.84 12.19 -15.07
N MET B 15 45.37 13.05 -14.20
CA MET B 15 46.38 14.01 -14.61
C MET B 15 47.67 13.31 -14.99
N SER B 16 48.07 12.31 -14.21
CA SER B 16 49.23 11.51 -14.60
C SER B 16 48.95 10.71 -15.87
N ARG B 17 47.69 10.40 -16.13
CA ARG B 17 47.35 9.65 -17.33
C ARG B 17 47.48 10.50 -18.59
N TYR B 18 46.96 11.74 -18.60
CA TYR B 18 46.89 12.45 -19.87
C TYR B 18 48.06 13.38 -20.20
N PHE B 19 48.80 13.90 -19.23
CA PHE B 19 49.82 14.91 -19.50
C PHE B 19 51.21 14.32 -19.32
N LYS B 20 52.12 14.71 -20.21
CA LYS B 20 53.49 14.20 -20.15
C LYS B 20 54.26 14.81 -18.98
N PHE B 21 54.17 16.13 -18.82
CA PHE B 21 54.79 16.80 -17.70
C PHE B 21 53.71 17.48 -16.85
N GLU B 22 54.00 17.61 -15.56
CA GLU B 22 52.97 18.01 -14.60
C GLU B 22 52.70 19.51 -14.67
N ASN B 23 53.72 20.30 -15.02
CA ASN B 23 53.65 21.76 -14.95
C ASN B 23 52.57 22.32 -15.86
N ASP B 24 52.35 21.68 -17.02
CA ASP B 24 51.30 22.06 -17.96
C ASP B 24 49.92 22.11 -17.29
N PHE B 25 49.61 21.08 -16.50
CA PHE B 25 48.30 20.96 -15.86
C PHE B 25 47.94 22.17 -14.98
N TYR B 26 48.72 22.44 -13.93
CA TYR B 26 48.32 23.48 -12.97
C TYR B 26 48.33 24.89 -13.54
N LYS B 27 49.27 25.21 -14.42
CA LYS B 27 49.34 26.60 -14.94
C LYS B 27 48.19 26.96 -15.93
N LEU B 28 47.15 26.15 -16.11
CA LEU B 28 46.08 26.45 -17.04
C LEU B 28 45.26 27.64 -16.57
N PRO B 29 44.65 28.38 -17.51
CA PRO B 29 43.90 29.59 -17.12
C PRO B 29 42.58 29.28 -16.44
N GLY B 30 42.62 29.08 -15.13
CA GLY B 30 41.43 28.75 -14.38
C GLY B 30 41.75 27.89 -13.17
N ILE B 31 42.90 27.22 -13.20
CA ILE B 31 43.39 26.50 -12.05
C ILE B 31 44.43 27.37 -11.36
N LYS B 32 45.54 27.63 -12.06
CA LYS B 32 46.54 28.66 -11.75
C LYS B 32 47.16 28.46 -10.36
N PHE B 33 47.89 27.37 -10.23
CA PHE B 33 48.70 27.13 -9.05
C PHE B 33 50.06 27.81 -9.20
N THR B 34 50.80 27.84 -8.10
CA THR B 34 52.22 28.09 -8.10
C THR B 34 52.91 26.76 -7.80
N ASP B 35 54.23 26.78 -7.65
CA ASP B 35 54.94 25.52 -7.46
C ASP B 35 54.81 25.02 -6.02
N ALA B 36 54.92 25.94 -5.05
CA ALA B 36 54.88 25.56 -3.65
C ALA B 36 53.49 25.09 -3.24
N ASN B 37 52.44 25.75 -3.74
CA ASN B 37 51.08 25.33 -3.41
C ASN B 37 50.71 24.04 -4.11
N TRP B 38 51.29 23.78 -5.29
CA TRP B 38 51.06 22.50 -5.95
C TRP B 38 51.73 21.37 -5.19
N GLN B 39 52.93 21.63 -4.66
CA GLN B 39 53.61 20.63 -3.84
C GLN B 39 52.89 20.41 -2.51
N LYS B 40 52.22 21.45 -2.01
CA LYS B 40 51.39 21.30 -0.82
C LYS B 40 50.15 20.47 -1.13
N PHE B 41 49.59 20.64 -2.33
CA PHE B 41 48.37 19.93 -2.72
C PHE B 41 48.63 18.46 -2.99
N LYS B 42 49.77 18.14 -3.60
CA LYS B 42 50.02 16.75 -3.98
C LYS B 42 50.32 15.88 -2.76
N ASN B 43 50.88 16.45 -1.70
CA ASN B 43 51.19 15.71 -0.49
C ASN B 43 50.03 15.67 0.50
N GLY B 44 48.84 16.12 0.09
CA GLY B 44 47.71 16.05 0.99
C GLY B 44 47.64 17.12 2.06
N GLY B 45 48.38 18.22 1.91
CA GLY B 45 48.30 19.28 2.90
C GLY B 45 46.98 20.01 2.85
N THR B 46 46.61 20.52 1.67
CA THR B 46 45.36 21.22 1.48
C THR B 46 44.27 20.21 1.12
N ASP B 47 43.12 20.31 1.77
CA ASP B 47 42.02 19.37 1.58
C ASP B 47 41.05 19.93 0.55
N ILE B 48 40.65 19.09 -0.40
CA ILE B 48 39.70 19.54 -1.41
C ILE B 48 38.30 19.30 -0.85
N GLU B 49 37.92 20.13 0.12
CA GLU B 49 36.55 20.35 0.53
C GLU B 49 36.26 21.82 0.77
N LYS B 50 37.27 22.62 1.08
CA LYS B 50 37.12 24.02 1.42
C LYS B 50 37.93 24.91 0.52
N MET B 51 38.39 24.38 -0.61
CA MET B 51 39.01 25.19 -1.65
C MET B 51 37.93 25.96 -2.40
N GLY B 52 38.35 26.78 -3.35
CA GLY B 52 37.40 27.52 -4.15
C GLY B 52 36.57 26.61 -5.04
N ALA B 53 35.32 27.01 -5.26
CA ALA B 53 34.43 26.21 -6.08
C ALA B 53 34.86 26.26 -7.54
N ALA B 54 35.32 27.42 -7.99
CA ALA B 54 35.67 27.60 -9.40
C ALA B 54 36.93 26.82 -9.74
N ARG B 55 37.90 26.77 -8.82
CA ARG B 55 39.16 26.09 -9.08
C ARG B 55 38.98 24.57 -9.12
N VAL B 56 38.24 24.03 -8.15
CA VAL B 56 37.97 22.59 -8.11
C VAL B 56 37.11 22.16 -9.30
N ASN B 57 36.10 22.97 -9.64
CA ASN B 57 35.26 22.61 -10.77
C ASN B 57 35.97 22.78 -12.10
N ALA B 58 36.94 23.69 -12.19
CA ALA B 58 37.72 23.82 -13.42
C ALA B 58 38.67 22.64 -13.58
N MET B 59 39.25 22.17 -12.46
CA MET B 59 40.09 20.99 -12.50
C MET B 59 39.29 19.76 -12.92
N LEU B 60 38.07 19.63 -12.44
CA LEU B 60 37.23 18.51 -12.85
C LEU B 60 36.68 18.67 -14.26
N ASP B 61 36.46 19.90 -14.72
CA ASP B 61 35.84 20.12 -16.02
C ASP B 61 36.86 19.98 -17.13
N CYS B 62 38.13 20.27 -16.86
CA CYS B 62 39.15 20.12 -17.89
C CYS B 62 39.42 18.65 -18.20
N LEU B 63 39.37 17.79 -17.18
CA LEU B 63 39.70 16.39 -17.39
C LEU B 63 38.53 15.58 -17.95
N PHE B 64 37.32 15.83 -17.47
CA PHE B 64 36.16 15.00 -17.81
C PHE B 64 35.19 15.74 -18.71
N ASP B 65 34.41 14.93 -19.41
CA ASP B 65 33.21 15.38 -20.09
C ASP B 65 32.05 15.42 -19.10
N ASP B 66 30.92 15.95 -19.53
CA ASP B 66 29.84 16.17 -18.56
C ASP B 66 29.07 14.90 -18.30
N PHE B 67 28.97 14.03 -19.30
CA PHE B 67 28.43 12.69 -19.10
C PHE B 67 29.30 11.88 -18.16
N GLU B 68 30.63 12.09 -18.22
CA GLU B 68 31.52 11.42 -17.29
C GLU B 68 31.37 11.95 -15.87
N LEU B 69 30.98 13.22 -15.70
CA LEU B 69 30.72 13.74 -14.37
C LEU B 69 29.44 13.12 -13.79
N ALA B 70 28.42 12.95 -14.63
CA ALA B 70 27.22 12.23 -14.22
C ALA B 70 27.54 10.78 -13.85
N MET B 71 28.45 10.15 -14.60
CA MET B 71 28.84 8.79 -14.25
C MET B 71 29.64 8.71 -12.96
N ILE B 72 30.41 9.76 -12.63
CA ILE B 72 31.08 9.81 -11.32
C ILE B 72 30.04 9.82 -10.20
N GLY B 73 29.00 10.63 -10.35
CA GLY B 73 27.94 10.65 -9.34
C GLY B 73 27.23 9.31 -9.18
N LYS B 74 26.91 8.66 -10.30
CA LYS B 74 26.22 7.37 -10.25
C LYS B 74 27.12 6.28 -9.67
N ALA B 75 28.41 6.32 -9.98
CA ALA B 75 29.33 5.34 -9.44
C ALA B 75 29.58 5.55 -7.96
N GLN B 76 29.55 6.81 -7.50
CA GLN B 76 29.67 7.08 -6.07
C GLN B 76 28.50 6.52 -5.30
N THR B 77 27.29 6.66 -5.88
CA THR B 77 26.09 6.07 -5.29
C THR B 77 26.20 4.57 -5.18
N ASN B 78 26.69 3.91 -6.22
CA ASN B 78 26.82 2.45 -6.13
C ASN B 78 28.00 2.01 -5.28
N TYR B 79 28.97 2.89 -5.05
CA TYR B 79 30.24 2.48 -4.43
C TYR B 79 30.28 2.68 -2.93
N TYR B 80 29.55 3.65 -2.38
CA TYR B 80 29.61 3.81 -0.92
C TYR B 80 28.75 2.82 -0.15
N ASN B 81 27.85 2.10 -0.81
CA ASN B 81 27.31 0.87 -0.26
C ASN B 81 28.25 -0.27 -0.61
N ASP B 82 27.92 -1.47 -0.14
CA ASP B 82 28.59 -2.73 -0.46
C ASP B 82 30.07 -2.69 -0.04
N ASN B 83 30.29 -2.78 1.27
CA ASN B 83 31.58 -2.42 1.87
C ASN B 83 32.75 -3.38 1.52
N SER B 84 32.56 -4.38 0.65
CA SER B 84 33.69 -5.06 0.04
C SER B 84 34.42 -4.13 -0.91
N LEU B 85 33.68 -3.26 -1.60
CA LEU B 85 34.26 -2.40 -2.63
C LEU B 85 35.13 -1.31 -2.02
N LYS B 86 34.65 -0.69 -0.94
CA LYS B 86 35.34 0.42 -0.30
C LYS B 86 36.71 -0.01 0.24
N MET B 87 36.73 -1.15 0.94
CA MET B 87 37.97 -1.70 1.47
C MET B 87 38.88 -2.25 0.37
N ASN B 88 38.32 -3.04 -0.55
CA ASN B 88 39.14 -3.77 -1.51
C ASN B 88 39.79 -2.88 -2.57
N MET B 89 39.06 -1.93 -3.16
CA MET B 89 39.65 -1.24 -4.29
C MET B 89 39.55 0.27 -4.17
N PRO B 90 40.57 1.01 -4.60
CA PRO B 90 40.46 2.47 -4.65
C PRO B 90 39.44 2.87 -5.71
N PHE B 91 38.78 4.01 -5.47
CA PHE B 91 37.69 4.55 -6.29
C PHE B 91 37.91 4.46 -7.79
N TYR B 92 39.03 5.01 -8.30
CA TYR B 92 39.21 5.19 -9.74
C TYR B 92 39.15 3.87 -10.51
N THR B 93 39.57 2.76 -9.89
CA THR B 93 39.45 1.46 -10.53
C THR B 93 37.99 1.05 -10.68
N TYR B 94 37.18 1.28 -9.66
CA TYR B 94 35.75 0.99 -9.79
C TYR B 94 35.08 1.91 -10.78
N TYR B 95 35.54 3.16 -10.88
CA TYR B 95 35.00 4.08 -11.88
C TYR B 95 35.35 3.61 -13.29
N ASP B 96 36.55 3.06 -13.46
CA ASP B 96 36.96 2.49 -14.74
C ASP B 96 36.11 1.29 -15.12
N MET B 97 35.79 0.44 -14.14
CA MET B 97 34.90 -0.70 -14.40
C MET B 97 33.51 -0.24 -14.79
N PHE B 98 33.03 0.83 -14.14
CA PHE B 98 31.72 1.40 -14.44
C PHE B 98 31.65 1.90 -15.88
N LYS B 99 32.65 2.69 -16.29
CA LYS B 99 32.59 3.22 -17.64
C LYS B 99 32.87 2.16 -18.69
N LYS B 100 33.62 1.11 -18.36
CA LYS B 100 33.80 0.02 -19.32
C LYS B 100 32.51 -0.77 -19.52
N GLN B 101 31.78 -1.06 -18.45
CA GLN B 101 30.54 -1.81 -18.64
C GLN B 101 29.45 -0.95 -19.27
N GLN B 102 29.52 0.37 -19.09
CA GLN B 102 28.67 1.25 -19.87
C GLN B 102 29.02 1.20 -21.35
N LEU B 103 30.32 1.11 -21.67
CA LEU B 103 30.74 0.96 -23.07
C LEU B 103 30.29 -0.36 -23.67
N LEU B 104 30.33 -1.44 -22.87
CA LEU B 104 29.85 -2.73 -23.34
C LEU B 104 28.36 -2.70 -23.63
N LYS B 105 27.59 -2.02 -22.78
CA LYS B 105 26.15 -1.88 -23.04
C LYS B 105 25.89 -1.03 -24.28
N TRP B 106 26.73 -0.01 -24.50
CA TRP B 106 26.63 0.81 -25.70
C TRP B 106 26.91 0.00 -26.96
N LEU B 107 27.91 -0.89 -26.90
CA LEU B 107 28.23 -1.69 -28.07
C LEU B 107 27.22 -2.80 -28.30
N LYS B 108 26.61 -3.32 -27.23
CA LYS B 108 25.66 -4.42 -27.37
C LYS B 108 24.29 -3.94 -27.84
N ASN B 109 23.71 -2.95 -27.15
CA ASN B 109 22.33 -2.57 -27.40
C ASN B 109 22.19 -1.86 -28.74
N ASN B 110 22.94 -0.78 -28.92
CA ASN B 110 22.82 0.07 -30.10
C ASN B 110 24.20 0.16 -30.74
N ARG B 111 24.47 -0.77 -31.66
CA ARG B 111 25.74 -0.90 -32.34
C ARG B 111 25.82 -0.06 -33.61
N ASP B 112 24.77 0.67 -33.94
CA ASP B 112 24.69 1.36 -35.22
C ASP B 112 25.15 2.80 -35.18
N ASP B 113 25.28 3.40 -34.01
CA ASP B 113 25.55 4.82 -33.89
C ASP B 113 26.85 5.15 -33.20
N VAL B 114 27.56 4.17 -32.65
CA VAL B 114 28.79 4.43 -31.91
C VAL B 114 29.85 4.86 -32.91
N ILE B 115 30.23 6.12 -32.87
CA ILE B 115 31.29 6.65 -33.71
C ILE B 115 32.44 7.09 -32.81
N GLY B 116 33.59 7.34 -33.44
CA GLY B 116 34.77 7.67 -32.67
C GLY B 116 35.64 8.76 -33.26
N GLY B 117 36.79 8.99 -32.62
CA GLY B 117 37.74 9.95 -33.14
C GLY B 117 38.87 10.14 -32.16
N THR B 118 39.87 10.90 -32.60
CA THR B 118 41.00 11.24 -31.75
C THR B 118 40.69 12.49 -30.93
N GLY B 119 41.44 12.65 -29.85
CA GLY B 119 41.22 13.73 -28.93
C GLY B 119 42.45 14.50 -28.53
N ARG B 120 42.39 15.80 -28.80
CA ARG B 120 43.47 16.75 -28.59
C ARG B 120 43.24 17.56 -27.33
N MET B 121 44.26 17.65 -26.47
CA MET B 121 44.14 18.30 -25.17
C MET B 121 45.11 19.48 -25.08
N TYR B 122 44.59 20.63 -24.67
CA TYR B 122 45.38 21.86 -24.56
C TYR B 122 46.18 21.92 -23.27
N THR B 123 47.43 22.35 -23.38
CA THR B 123 48.30 22.58 -22.24
C THR B 123 48.28 24.06 -21.88
N ALA B 124 49.18 24.49 -21.00
CA ALA B 124 49.18 25.85 -20.48
C ALA B 124 50.06 26.81 -21.27
N SER B 125 50.75 26.32 -22.31
CA SER B 125 51.68 27.13 -23.08
C SER B 125 51.09 27.67 -24.37
N GLY B 126 49.82 27.39 -24.64
CA GLY B 126 49.20 27.73 -25.90
C GLY B 126 49.11 26.56 -26.85
N ASN B 127 49.90 25.51 -26.59
CA ASN B 127 49.96 24.37 -27.49
C ASN B 127 48.95 23.32 -27.05
N TYR B 128 48.61 22.43 -27.97
CA TYR B 128 47.80 21.27 -27.68
C TYR B 128 48.61 19.98 -27.86
N ILE B 129 48.05 18.90 -27.35
CA ILE B 129 48.65 17.57 -27.46
C ILE B 129 47.83 16.80 -28.48
N ALA B 130 48.37 16.65 -29.69
CA ALA B 130 47.72 15.86 -30.70
C ALA B 130 47.77 14.38 -30.36
N ASN B 131 46.63 13.70 -30.58
CA ASN B 131 46.40 12.29 -30.27
C ASN B 131 46.68 11.99 -28.80
N ALA B 132 45.98 12.72 -27.93
CA ALA B 132 46.08 12.50 -26.50
C ALA B 132 45.13 11.41 -26.00
N TYR B 133 43.94 11.30 -26.58
CA TYR B 133 43.04 10.23 -26.18
C TYR B 133 42.18 9.79 -27.35
N LEU B 134 41.36 8.76 -27.12
CA LEU B 134 40.38 8.26 -28.06
C LEU B 134 38.98 8.56 -27.54
N GLU B 135 38.24 9.40 -28.25
CA GLU B 135 36.90 9.72 -27.79
C GLU B 135 35.88 8.94 -28.59
N VAL B 136 34.83 8.50 -27.90
CA VAL B 136 33.76 7.69 -28.45
C VAL B 136 32.46 8.41 -28.15
N ALA B 137 31.49 8.35 -29.06
CA ALA B 137 30.26 9.08 -28.87
C ALA B 137 29.12 8.36 -29.56
N LEU B 138 27.90 8.78 -29.24
CA LEU B 138 26.69 8.27 -29.87
C LEU B 138 26.19 9.33 -30.83
N GLU B 139 25.95 8.92 -32.07
CA GLU B 139 25.61 9.86 -33.14
C GLU B 139 24.20 10.42 -33.01
N SER B 140 23.25 9.63 -32.50
CA SER B 140 21.86 10.06 -32.46
C SER B 140 21.61 11.12 -31.40
N SER B 141 22.48 11.23 -30.40
CA SER B 141 22.26 12.13 -29.28
C SER B 141 23.26 13.27 -29.32
N SER B 142 23.35 13.93 -30.47
CA SER B 142 24.29 15.02 -30.67
C SER B 142 23.51 16.30 -30.87
N LEU B 143 23.87 17.32 -30.10
CA LEU B 143 23.24 18.63 -30.22
C LEU B 143 23.55 19.20 -31.60
N GLY B 144 22.52 19.83 -32.21
CA GLY B 144 22.65 20.33 -33.56
C GLY B 144 23.72 21.39 -33.68
N SER B 145 24.66 21.16 -34.61
CA SER B 145 25.86 21.97 -34.80
C SER B 145 26.63 22.11 -33.48
N GLY B 146 26.71 21.02 -32.74
CA GLY B 146 27.31 21.02 -31.42
C GLY B 146 27.86 19.66 -31.08
N SER B 147 28.69 19.66 -30.04
CA SER B 147 29.35 18.42 -29.59
C SER B 147 28.34 17.44 -29.00
N TYR B 148 28.71 16.16 -29.07
CA TYR B 148 27.84 15.07 -28.67
C TYR B 148 27.56 15.11 -27.18
N MET B 149 26.28 14.96 -26.83
CA MET B 149 25.86 14.95 -25.42
C MET B 149 26.39 13.72 -24.70
N LEU B 150 26.30 12.55 -25.32
CA LEU B 150 26.78 11.30 -24.76
C LEU B 150 28.17 11.01 -25.32
N GLN B 151 29.17 11.00 -24.46
CA GLN B 151 30.55 11.00 -24.92
C GLN B 151 31.47 10.46 -23.83
N MET B 152 32.46 9.67 -24.22
CA MET B 152 33.45 9.16 -23.28
C MET B 152 34.83 9.24 -23.91
N ARG B 153 35.85 9.22 -23.05
CA ARG B 153 37.24 9.24 -23.47
C ARG B 153 37.96 8.01 -22.94
N PHE B 154 38.94 7.53 -23.69
CA PHE B 154 39.78 6.42 -23.24
C PHE B 154 41.22 6.67 -23.66
N LYS B 155 42.12 5.96 -22.99
CA LYS B 155 43.55 6.02 -23.23
C LYS B 155 44.04 4.58 -23.40
N ASP B 156 44.49 4.24 -24.59
CA ASP B 156 44.87 2.86 -24.86
C ASP B 156 46.26 2.58 -24.29
N TYR B 157 46.41 1.40 -23.72
CA TYR B 157 47.67 0.98 -23.11
C TYR B 157 48.31 -0.16 -23.90
N SER B 158 48.06 -0.17 -25.21
CA SER B 158 48.62 -1.19 -26.08
C SER B 158 50.12 -0.94 -26.25
N LYS B 159 50.85 -2.02 -26.55
CA LYS B 159 52.30 -1.94 -26.61
C LYS B 159 52.85 -1.73 -28.00
N GLY B 160 52.08 -2.05 -29.04
CA GLY B 160 52.55 -1.81 -30.38
C GLY B 160 52.47 -0.35 -30.79
N GLN B 161 53.30 0.01 -31.78
CA GLN B 161 53.35 1.36 -32.32
C GLN B 161 52.50 1.40 -33.59
N GLU B 162 51.20 1.52 -33.39
CA GLU B 162 50.30 1.69 -34.50
C GLU B 162 49.08 2.43 -33.96
N PRO B 163 48.70 3.54 -34.57
CA PRO B 163 47.62 4.35 -34.04
C PRO B 163 46.28 3.73 -34.42
N ILE B 164 45.21 4.43 -34.04
CA ILE B 164 43.86 3.92 -34.28
C ILE B 164 43.45 4.29 -35.70
N PRO B 165 42.94 3.33 -36.48
CA PRO B 165 42.65 3.60 -37.89
C PRO B 165 41.42 4.46 -38.10
N SER B 166 41.40 5.13 -39.25
CA SER B 166 40.28 5.98 -39.64
C SER B 166 39.20 5.13 -40.31
N GLY B 167 38.10 5.77 -40.69
CA GLY B 167 36.91 5.06 -41.12
C GLY B 167 36.03 4.68 -39.95
N ARG B 168 34.78 4.37 -40.24
CA ARG B 168 33.81 4.10 -39.20
C ARG B 168 33.60 2.61 -38.90
N GLN B 169 33.71 1.74 -39.91
CA GLN B 169 33.73 0.31 -39.68
C GLN B 169 34.98 -0.14 -38.93
N ASN B 170 36.16 0.35 -39.35
CA ASN B 170 37.42 -0.21 -38.86
C ASN B 170 37.68 0.19 -37.42
N ARG B 171 37.32 1.43 -37.06
CA ARG B 171 37.52 1.89 -35.69
C ARG B 171 36.61 1.15 -34.73
N LEU B 172 35.36 0.92 -35.15
CA LEU B 172 34.43 0.18 -34.31
C LEU B 172 34.80 -1.29 -34.19
N GLU B 173 35.43 -1.86 -35.22
CA GLU B 173 36.05 -3.17 -35.05
C GLU B 173 37.24 -3.12 -34.08
N TRP B 174 37.99 -2.00 -34.11
CA TRP B 174 39.20 -1.90 -33.31
C TRP B 174 38.86 -1.82 -31.84
N ILE B 175 37.75 -1.17 -31.52
CA ILE B 175 37.36 -1.02 -30.12
C ILE B 175 36.99 -2.40 -29.57
N GLU B 176 36.34 -3.21 -30.40
CA GLU B 176 35.90 -4.54 -29.96
C GLU B 176 37.07 -5.48 -29.81
N ASN B 177 38.17 -5.26 -30.55
CA ASN B 177 39.32 -6.14 -30.34
C ASN B 177 40.08 -5.78 -29.06
N ASN B 178 40.50 -4.52 -28.95
CA ASN B 178 41.33 -4.08 -27.82
C ASN B 178 40.47 -3.53 -26.68
N LEU B 179 39.56 -4.37 -26.21
CA LEU B 179 38.76 -3.98 -25.05
C LEU B 179 39.55 -4.09 -23.75
N GLU B 180 40.36 -5.13 -23.59
CA GLU B 180 41.16 -5.24 -22.38
C GLU B 180 42.46 -4.45 -22.43
N ASN B 181 42.70 -3.69 -23.51
CA ASN B 181 43.83 -2.79 -23.56
C ASN B 181 43.49 -1.36 -23.15
N ILE B 182 42.29 -0.89 -23.46
CA ILE B 182 41.88 0.45 -23.08
C ILE B 182 41.52 0.50 -21.60
N ARG B 183 41.91 1.58 -20.92
CA ARG B 183 41.73 1.68 -19.48
C ARG B 183 40.89 2.90 -19.08
N ASP C 3 16.02 -42.27 25.93
CA ASP C 3 14.77 -42.16 26.65
C ASP C 3 14.71 -40.87 27.46
N LEU C 4 13.93 -39.92 26.96
CA LEU C 4 13.63 -38.68 27.67
C LEU C 4 12.11 -38.46 27.64
N VAL C 5 11.68 -37.33 28.18
CA VAL C 5 10.26 -36.97 28.17
C VAL C 5 10.12 -35.47 27.88
N LEU C 6 9.29 -35.14 26.90
CA LEU C 6 9.04 -33.76 26.48
C LEU C 6 7.73 -33.27 27.07
N GLY C 7 7.82 -32.28 27.96
CA GLY C 7 6.65 -31.65 28.53
C GLY C 7 6.44 -30.31 27.89
N LEU C 8 5.28 -30.16 27.25
CA LEU C 8 4.98 -29.03 26.37
C LEU C 8 3.70 -28.37 26.83
N ASP C 9 3.77 -27.08 27.17
CA ASP C 9 2.63 -26.32 27.65
C ASP C 9 2.19 -25.36 26.56
N ILE C 10 0.95 -25.50 26.11
CA ILE C 10 0.37 -24.68 25.05
C ILE C 10 -0.52 -23.63 25.70
N GLY C 11 -0.27 -22.37 25.38
CA GLY C 11 -1.09 -21.30 25.90
C GLY C 11 -1.75 -20.45 24.83
N ILE C 12 -2.33 -19.33 25.25
CA ILE C 12 -3.04 -18.46 24.32
C ILE C 12 -2.05 -17.70 23.43
N GLY C 13 -0.95 -17.23 24.00
CA GLY C 13 0.03 -16.50 23.23
C GLY C 13 1.45 -16.88 23.54
N SER C 14 1.66 -18.10 24.02
CA SER C 14 2.99 -18.58 24.36
C SER C 14 2.98 -20.09 24.48
N VAL C 15 4.10 -20.71 24.15
CA VAL C 15 4.31 -22.11 24.51
C VAL C 15 5.53 -22.16 25.42
N GLY C 16 5.61 -23.22 26.20
CA GLY C 16 6.73 -23.38 27.10
C GLY C 16 7.09 -24.84 27.32
N VAL C 17 8.33 -25.22 27.03
CA VAL C 17 8.68 -26.63 27.05
C VAL C 17 9.88 -26.89 27.92
N GLY C 18 9.98 -28.15 28.34
CA GLY C 18 11.11 -28.67 29.06
C GLY C 18 11.25 -30.17 28.87
N ILE C 19 12.47 -30.66 28.80
CA ILE C 19 12.72 -32.09 28.66
C ILE C 19 13.32 -32.61 29.96
N LEU C 20 12.95 -33.83 30.33
CA LEU C 20 13.49 -34.51 31.50
C LEU C 20 14.09 -35.84 31.09
N ASN C 21 14.97 -36.36 31.96
CA ASN C 21 15.84 -37.48 31.62
C ASN C 21 15.22 -38.85 31.84
N LYS C 22 14.25 -38.97 32.75
CA LYS C 22 13.48 -40.17 33.08
C LYS C 22 14.33 -41.25 33.77
N VAL C 23 15.63 -41.06 33.91
CA VAL C 23 16.51 -41.98 34.61
C VAL C 23 17.06 -41.34 35.88
N THR C 24 17.83 -40.26 35.74
CA THR C 24 18.32 -39.54 36.90
C THR C 24 17.29 -38.54 37.40
N GLY C 25 16.68 -37.79 36.49
CA GLY C 25 15.65 -36.84 36.84
C GLY C 25 16.07 -35.40 36.87
N GLU C 26 17.05 -35.00 36.07
CA GLU C 26 17.51 -33.62 36.04
C GLU C 26 16.81 -32.84 34.93
N ILE C 27 16.80 -31.52 35.07
CA ILE C 27 16.19 -30.64 34.09
C ILE C 27 17.25 -30.30 33.05
N ILE C 28 17.12 -30.89 31.85
CA ILE C 28 18.12 -30.70 30.81
C ILE C 28 17.89 -29.40 30.04
N HIS C 29 16.65 -29.14 29.64
CA HIS C 29 16.38 -28.01 28.77
C HIS C 29 15.00 -27.45 29.08
N LYS C 30 14.90 -26.12 29.11
CA LYS C 30 13.66 -25.41 29.36
C LYS C 30 13.69 -24.09 28.60
N ASN C 31 12.59 -23.75 27.91
CA ASN C 31 12.43 -22.39 27.41
C ASN C 31 10.95 -22.06 27.25
N SER C 32 10.71 -20.85 26.75
CA SER C 32 9.38 -20.35 26.41
C SER C 32 9.46 -19.59 25.09
N ARG C 33 8.57 -19.90 24.16
CA ARG C 33 8.43 -19.12 22.93
C ARG C 33 7.23 -18.20 23.08
N ILE C 34 7.41 -16.92 22.73
CA ILE C 34 6.39 -15.89 22.85
C ILE C 34 6.03 -15.40 21.46
N PHE C 35 4.74 -15.38 21.15
CA PHE C 35 4.22 -14.91 19.89
C PHE C 35 2.95 -14.11 20.15
N PRO C 36 2.58 -13.19 19.26
CA PRO C 36 1.28 -12.52 19.40
C PRO C 36 0.13 -13.48 19.16
N ALA C 37 -0.88 -13.39 20.03
CA ALA C 37 -2.05 -14.25 19.91
C ALA C 37 -2.84 -13.87 18.68
N ALA C 38 -3.04 -14.82 17.77
CA ALA C 38 -3.63 -14.53 16.47
C ALA C 38 -5.12 -14.33 16.63
N GLN C 39 -5.58 -13.11 16.37
CA GLN C 39 -6.99 -12.78 16.50
C GLN C 39 -7.39 -11.93 15.31
N ALA C 40 -8.69 -11.85 15.06
CA ALA C 40 -9.23 -11.34 13.81
C ALA C 40 -9.91 -9.99 13.97
N GLU C 41 -9.32 -9.10 14.75
CA GLU C 41 -9.68 -7.69 14.67
C GLU C 41 -8.71 -6.92 13.77
N ASN C 42 -7.65 -7.56 13.31
CA ASN C 42 -6.79 -6.99 12.29
C ASN C 42 -7.30 -7.33 10.90
N ASN C 43 -7.82 -8.55 10.72
CA ASN C 43 -8.38 -8.92 9.44
C ASN C 43 -9.70 -8.21 9.18
N LEU C 44 -10.44 -7.89 10.24
CA LEU C 44 -11.66 -7.10 10.08
C LEU C 44 -11.34 -5.70 9.57
N VAL C 45 -10.27 -5.09 10.08
CA VAL C 45 -9.86 -3.76 9.65
C VAL C 45 -9.35 -3.80 8.22
N ARG C 46 -8.60 -4.85 7.88
CA ARG C 46 -8.08 -4.99 6.53
C ARG C 46 -9.20 -5.18 5.51
N ARG C 47 -10.18 -6.04 5.82
CA ARG C 47 -11.30 -6.27 4.91
C ARG C 47 -12.20 -5.05 4.81
N THR C 48 -12.38 -4.33 5.91
CA THR C 48 -13.22 -3.12 5.90
C THR C 48 -12.63 -2.05 5.00
N ASN C 49 -11.32 -1.84 5.11
CA ASN C 49 -10.67 -0.86 4.26
C ASN C 49 -10.61 -1.30 2.81
N ARG C 50 -10.43 -2.60 2.56
CA ARG C 50 -10.44 -3.12 1.20
C ARG C 50 -11.80 -2.92 0.54
N GLN C 51 -12.87 -3.09 1.30
CA GLN C 51 -14.19 -2.92 0.71
C GLN C 51 -14.63 -1.46 0.62
N GLY C 52 -14.08 -0.56 1.45
CA GLY C 52 -14.42 0.84 1.32
C GLY C 52 -13.67 1.55 0.21
N ARG C 53 -12.44 1.10 -0.07
CA ARG C 53 -11.69 1.68 -1.17
C ARG C 53 -12.37 1.41 -2.51
N ARG C 54 -13.06 0.28 -2.62
CA ARG C 54 -13.81 0.00 -3.83
C ARG C 54 -15.00 0.93 -4.01
N LEU C 55 -15.63 1.36 -2.92
CA LEU C 55 -16.76 2.30 -3.03
C LEU C 55 -16.29 3.67 -3.48
N THR C 56 -15.19 4.16 -2.90
CA THR C 56 -14.64 5.44 -3.36
C THR C 56 -14.17 5.37 -4.81
N ARG C 57 -13.57 4.24 -5.19
CA ARG C 57 -13.19 3.96 -6.57
C ARG C 57 -14.37 4.01 -7.52
N ARG C 58 -15.47 3.38 -7.14
CA ARG C 58 -16.59 3.25 -8.06
C ARG C 58 -17.38 4.56 -8.18
N LYS C 59 -17.40 5.38 -7.13
CA LYS C 59 -18.00 6.71 -7.25
C LYS C 59 -17.21 7.60 -8.21
N LYS C 60 -15.87 7.59 -8.07
CA LYS C 60 -15.02 8.34 -8.98
C LYS C 60 -15.17 7.85 -10.42
N HIS C 61 -15.33 6.55 -10.60
CA HIS C 61 -15.51 6.02 -11.95
C HIS C 61 -16.88 6.37 -12.51
N ARG C 62 -17.88 6.59 -11.66
CA ARG C 62 -19.17 7.05 -12.15
C ARG C 62 -19.07 8.45 -12.76
N ARG C 63 -18.34 9.36 -12.09
CA ARG C 63 -18.24 10.68 -12.73
C ARG C 63 -17.31 10.66 -13.95
N VAL C 64 -16.31 9.78 -13.98
CA VAL C 64 -15.49 9.61 -15.18
C VAL C 64 -16.33 9.11 -16.35
N ARG C 65 -17.22 8.16 -16.10
CA ARG C 65 -18.09 7.64 -17.16
C ARG C 65 -19.09 8.67 -17.64
N LEU C 66 -19.56 9.55 -16.74
CA LEU C 66 -20.47 10.60 -17.19
C LEU C 66 -19.76 11.64 -18.07
N ASN C 67 -18.50 11.95 -17.75
CA ASN C 67 -17.71 12.83 -18.61
C ASN C 67 -17.51 12.22 -20.00
N ARG C 68 -17.23 10.91 -20.04
CA ARG C 68 -17.06 10.23 -21.33
C ARG C 68 -18.37 10.17 -22.12
N LEU C 69 -19.51 10.11 -21.42
CA LEU C 69 -20.80 10.11 -22.11
C LEU C 69 -21.12 11.49 -22.69
N PHE C 70 -20.88 12.56 -21.93
CA PHE C 70 -21.13 13.89 -22.47
C PHE C 70 -20.14 14.30 -23.56
N GLU C 71 -18.96 13.68 -23.61
CA GLU C 71 -18.09 13.95 -24.76
C GLU C 71 -18.47 13.09 -25.96
N GLU C 72 -18.83 11.82 -25.74
CA GLU C 72 -19.11 10.91 -26.84
C GLU C 72 -20.43 11.21 -27.56
N SER C 73 -21.27 12.07 -27.02
CA SER C 73 -22.52 12.42 -27.69
C SER C 73 -22.52 13.86 -28.19
N GLY C 74 -21.47 14.61 -27.93
CA GLY C 74 -21.34 15.94 -28.49
C GLY C 74 -22.24 16.98 -27.86
N LEU C 75 -22.30 17.02 -26.53
CA LEU C 75 -23.08 18.05 -25.86
C LEU C 75 -22.22 19.21 -25.38
N ILE C 76 -21.13 18.92 -24.66
CA ILE C 76 -20.12 19.93 -24.35
C ILE C 76 -18.75 19.34 -24.62
N THR C 77 -17.77 20.22 -24.82
CA THR C 77 -16.46 19.85 -25.31
C THR C 77 -15.33 19.95 -24.29
N ASP C 78 -15.22 21.05 -23.54
CA ASP C 78 -14.15 21.23 -22.58
C ASP C 78 -14.73 21.26 -21.17
N PHE C 79 -14.22 20.40 -20.30
CA PHE C 79 -14.68 20.37 -18.92
C PHE C 79 -13.77 21.20 -18.03
N THR C 80 -13.52 22.44 -18.46
CA THR C 80 -12.75 23.41 -17.71
C THR C 80 -13.54 24.63 -17.33
N LYS C 81 -14.52 25.04 -18.15
CA LYS C 81 -15.23 26.28 -17.97
C LYS C 81 -16.48 26.15 -17.12
N ILE C 82 -16.76 24.96 -16.58
CA ILE C 82 -17.99 24.72 -15.85
C ILE C 82 -17.86 25.34 -14.46
N SER C 83 -18.82 26.17 -14.08
CA SER C 83 -18.79 26.79 -12.77
C SER C 83 -19.22 25.81 -11.69
N ILE C 84 -18.63 25.98 -10.51
CA ILE C 84 -18.92 25.11 -9.38
C ILE C 84 -19.78 25.82 -8.35
N ASN C 85 -20.30 27.00 -8.68
CA ASN C 85 -21.07 27.76 -7.71
C ASN C 85 -22.46 28.08 -8.23
N LEU C 86 -23.14 27.09 -8.78
CA LEU C 86 -24.55 27.15 -9.11
C LEU C 86 -25.31 26.23 -8.17
N ASN C 87 -26.61 26.45 -8.05
CA ASN C 87 -27.42 25.63 -7.16
C ASN C 87 -27.94 24.42 -7.93
N PRO C 88 -27.67 23.20 -7.48
CA PRO C 88 -28.13 22.03 -8.23
C PRO C 88 -29.59 21.71 -8.00
N TYR C 89 -30.11 22.00 -6.81
CA TYR C 89 -31.48 21.62 -6.49
C TYR C 89 -32.48 22.52 -7.18
N GLN C 90 -32.19 23.82 -7.23
CA GLN C 90 -32.99 24.76 -8.02
C GLN C 90 -32.92 24.43 -9.49
N LEU C 91 -31.76 23.96 -9.97
CA LEU C 91 -31.64 23.57 -11.36
C LEU C 91 -32.38 22.27 -11.67
N ARG C 92 -32.48 21.37 -10.69
CA ARG C 92 -33.24 20.14 -10.89
C ARG C 92 -34.72 20.42 -10.98
N VAL C 93 -35.24 21.34 -10.17
CA VAL C 93 -36.65 21.71 -10.30
C VAL C 93 -36.91 22.51 -11.59
N LYS C 94 -35.99 23.42 -11.93
CA LYS C 94 -36.18 24.22 -13.13
C LYS C 94 -36.09 23.37 -14.40
N GLY C 95 -35.26 22.33 -14.40
CA GLY C 95 -35.24 21.41 -15.52
C GLY C 95 -36.38 20.41 -15.48
N LEU C 96 -36.96 20.18 -14.31
CA LEU C 96 -38.20 19.41 -14.23
C LEU C 96 -39.33 20.12 -14.94
N THR C 97 -39.33 21.45 -14.96
CA THR C 97 -40.40 22.12 -15.71
C THR C 97 -39.98 22.91 -16.95
N ASP C 98 -38.86 23.65 -16.96
CA ASP C 98 -38.48 24.44 -18.12
C ASP C 98 -37.22 23.92 -18.81
N GLU C 99 -36.73 24.66 -19.79
CA GLU C 99 -35.55 24.27 -20.55
C GLU C 99 -34.25 24.63 -19.84
N LEU C 100 -33.27 23.74 -19.92
CA LEU C 100 -31.89 24.02 -19.53
C LEU C 100 -30.99 23.97 -20.77
N SER C 101 -29.86 24.64 -20.68
CA SER C 101 -28.82 24.51 -21.70
C SER C 101 -28.00 23.26 -21.42
N ASN C 102 -26.85 23.12 -22.08
CA ASN C 102 -26.05 21.91 -21.89
C ASN C 102 -25.33 21.94 -20.55
N GLU C 103 -24.80 23.10 -20.15
CA GLU C 103 -23.96 23.18 -18.96
C GLU C 103 -24.78 22.98 -17.68
N GLU C 104 -25.97 23.59 -17.60
CA GLU C 104 -26.81 23.41 -16.42
C GLU C 104 -27.34 21.98 -16.32
N LEU C 105 -27.61 21.36 -17.47
CA LEU C 105 -28.03 19.96 -17.48
C LEU C 105 -26.91 19.06 -16.97
N PHE C 106 -25.67 19.33 -17.41
CA PHE C 106 -24.53 18.56 -16.95
C PHE C 106 -24.32 18.71 -15.45
N ILE C 107 -24.53 19.93 -14.94
CA ILE C 107 -24.36 20.19 -13.51
C ILE C 107 -25.41 19.43 -12.70
N ALA C 108 -26.69 19.47 -13.14
CA ALA C 108 -27.74 18.79 -12.38
C ALA C 108 -27.59 17.28 -12.42
N LEU C 109 -27.26 16.70 -13.59
CA LEU C 109 -27.12 15.26 -13.68
C LEU C 109 -25.87 14.76 -12.96
N LYS C 110 -24.79 15.55 -12.97
CA LYS C 110 -23.60 15.21 -12.19
C LYS C 110 -23.90 15.20 -10.71
N ASN C 111 -24.68 16.18 -10.25
CA ASN C 111 -25.04 16.21 -8.83
C ASN C 111 -25.94 15.04 -8.46
N MET C 112 -26.76 14.56 -9.39
CA MET C 112 -27.60 13.41 -9.07
C MET C 112 -26.79 12.13 -9.04
N VAL C 113 -25.81 11.98 -9.93
CA VAL C 113 -24.97 10.79 -9.95
C VAL C 113 -24.06 10.73 -8.72
N LYS C 114 -23.66 11.88 -8.18
CA LYS C 114 -22.88 11.88 -6.95
C LYS C 114 -23.68 11.39 -5.74
N HIS C 115 -25.01 11.59 -5.73
CA HIS C 115 -25.87 11.17 -4.63
C HIS C 115 -27.07 10.40 -5.18
N ARG C 116 -26.88 9.11 -5.43
CA ARG C 116 -28.00 8.22 -5.67
C ARG C 116 -28.40 7.58 -4.35
N GLY C 117 -29.50 6.85 -4.36
CA GLY C 117 -30.13 6.39 -3.14
C GLY C 117 -29.83 4.95 -2.78
N ILE C 118 -30.55 4.48 -1.78
CA ILE C 118 -30.44 3.12 -1.32
C ILE C 118 -31.43 2.24 -2.08
N SER C 119 -31.20 0.93 -2.10
CA SER C 119 -31.96 0.08 -3.01
C SER C 119 -32.33 -1.30 -2.44
N TYR C 120 -32.36 -1.46 -1.12
CA TYR C 120 -32.72 -2.77 -0.58
C TYR C 120 -34.21 -2.93 -0.32
N LEU C 121 -34.94 -1.83 -0.13
CA LEU C 121 -36.37 -1.89 0.10
C LEU C 121 -37.10 -2.25 -1.19
N GLY C 133 -34.31 0.38 13.00
CA GLY C 133 -35.45 0.67 13.86
C GLY C 133 -35.97 2.07 13.63
N ASP C 134 -35.39 3.04 14.34
CA ASP C 134 -35.74 4.45 14.12
C ASP C 134 -35.33 4.91 12.72
N TYR C 135 -34.20 4.39 12.22
CA TYR C 135 -33.75 4.71 10.87
C TYR C 135 -34.75 4.25 9.81
N ALA C 136 -35.32 3.05 9.98
CA ALA C 136 -36.32 2.58 9.03
C ALA C 136 -37.59 3.43 9.10
N GLN C 137 -37.92 3.95 10.29
CA GLN C 137 -39.06 4.85 10.44
C GLN C 137 -38.83 6.16 9.69
N ILE C 138 -37.63 6.72 9.79
CA ILE C 138 -37.37 7.98 9.10
C ILE C 138 -37.26 7.76 7.59
N VAL C 139 -36.77 6.59 7.15
CA VAL C 139 -36.76 6.31 5.71
C VAL C 139 -38.18 6.10 5.19
N LYS C 140 -39.07 5.50 6.00
CA LYS C 140 -40.46 5.35 5.58
C LYS C 140 -41.17 6.70 5.53
N GLU C 141 -40.83 7.60 6.46
CA GLU C 141 -41.36 8.96 6.41
C GLU C 141 -40.84 9.72 5.20
N ASN C 142 -39.58 9.47 4.80
CA ASN C 142 -39.04 10.08 3.60
C ASN C 142 -39.73 9.55 2.35
N SER C 143 -40.11 8.27 2.35
CA SER C 143 -40.83 7.73 1.21
C SER C 143 -42.30 8.15 1.21
N LYS C 144 -42.82 8.57 2.37
CA LYS C 144 -44.21 9.01 2.46
C LYS C 144 -44.48 10.27 1.67
N GLN C 145 -43.49 11.16 1.57
CA GLN C 145 -43.65 12.40 0.81
C GLN C 145 -43.24 12.26 -0.65
N LEU C 146 -43.21 11.04 -1.18
CA LEU C 146 -42.61 10.78 -2.48
C LEU C 146 -43.63 10.34 -3.54
N GLU C 147 -44.93 10.38 -3.23
CA GLU C 147 -45.90 9.94 -4.21
C GLU C 147 -46.25 11.05 -5.21
N THR C 148 -46.13 12.31 -4.82
CA THR C 148 -46.32 13.43 -5.72
C THR C 148 -45.11 14.34 -5.85
N LYS C 149 -44.11 14.17 -5.00
CA LYS C 149 -42.90 14.98 -5.02
C LYS C 149 -41.71 14.12 -5.38
N THR C 150 -40.67 14.78 -5.86
CA THR C 150 -39.38 14.21 -6.15
C THR C 150 -38.44 14.47 -4.98
N PRO C 151 -37.25 13.83 -4.94
CA PRO C 151 -36.25 14.24 -3.96
C PRO C 151 -35.79 15.68 -4.12
N GLY C 152 -35.82 16.22 -5.35
CA GLY C 152 -35.37 17.58 -5.58
C GLY C 152 -36.24 18.60 -4.88
N GLN C 153 -37.56 18.41 -4.93
CA GLN C 153 -38.48 19.33 -4.27
C GLN C 153 -38.38 19.25 -2.76
N ILE C 154 -38.16 18.04 -2.22
CA ILE C 154 -38.02 17.87 -0.78
C ILE C 154 -36.76 18.58 -0.29
N GLN C 155 -35.63 18.35 -0.98
CA GLN C 155 -34.39 18.96 -0.54
C GLN C 155 -34.37 20.46 -0.76
N LEU C 156 -35.04 20.95 -1.80
CA LEU C 156 -35.14 22.39 -2.00
C LEU C 156 -36.02 23.04 -0.96
N GLU C 157 -37.11 22.38 -0.54
CA GLU C 157 -37.94 22.91 0.53
C GLU C 157 -37.18 22.98 1.84
N ARG C 158 -36.36 21.96 2.14
CA ARG C 158 -35.52 22.01 3.34
C ARG C 158 -34.47 23.11 3.24
N TYR C 159 -33.93 23.34 2.05
CA TYR C 159 -32.91 24.37 1.87
C TYR C 159 -33.47 25.76 2.04
N GLN C 160 -34.66 26.03 1.48
CA GLN C 160 -35.22 27.36 1.62
C GLN C 160 -35.82 27.61 2.99
N THR C 161 -36.31 26.56 3.67
CA THR C 161 -36.96 26.77 4.95
C THR C 161 -35.98 26.73 6.11
N TYR C 162 -35.23 25.65 6.26
CA TYR C 162 -34.37 25.50 7.42
C TYR C 162 -32.93 25.89 7.16
N GLY C 163 -32.59 26.33 5.94
CA GLY C 163 -31.27 26.81 5.61
C GLY C 163 -30.17 25.77 5.63
N GLN C 164 -30.51 24.49 5.74
CA GLN C 164 -29.55 23.41 5.91
C GLN C 164 -30.12 22.18 5.22
N LEU C 165 -29.29 21.48 4.46
CA LEU C 165 -29.76 20.40 3.61
C LEU C 165 -29.17 19.05 3.96
N ARG C 166 -27.84 18.91 3.96
CA ARG C 166 -27.19 17.62 3.99
C ARG C 166 -27.03 17.14 5.43
N GLY C 167 -26.42 15.97 5.58
CA GLY C 167 -26.24 15.39 6.90
C GLY C 167 -27.53 14.81 7.40
N ASP C 168 -27.60 14.71 8.72
CA ASP C 168 -28.84 14.48 9.44
C ASP C 168 -28.93 15.44 10.60
N PHE C 169 -30.02 16.20 10.66
CA PHE C 169 -30.12 17.30 11.59
C PHE C 169 -31.53 17.36 12.17
N THR C 170 -31.64 17.99 13.33
CA THR C 170 -32.90 18.06 14.06
C THR C 170 -33.35 19.52 14.19
N VAL C 171 -33.89 20.04 13.09
CA VAL C 171 -34.51 21.35 13.12
C VAL C 171 -35.74 21.30 13.99
N GLU C 172 -35.93 22.34 14.80
CA GLU C 172 -36.97 22.35 15.80
C GLU C 172 -38.21 23.00 15.22
N LYS C 173 -39.26 22.19 15.04
CA LYS C 173 -40.54 22.77 14.73
C LYS C 173 -41.18 23.16 16.05
N ASP C 174 -42.12 24.10 16.00
CA ASP C 174 -42.75 24.59 17.22
C ASP C 174 -43.53 23.51 17.96
N GLY C 175 -44.29 22.69 17.23
CA GLY C 175 -45.06 21.63 17.87
C GLY C 175 -44.18 20.55 18.49
N LYS C 176 -43.18 20.08 17.75
CA LYS C 176 -42.32 18.98 18.18
C LYS C 176 -40.99 19.08 17.45
N LYS C 177 -39.97 18.44 18.03
CA LYS C 177 -38.66 18.36 17.39
C LYS C 177 -38.56 17.05 16.61
N HIS C 178 -38.38 17.15 15.29
CA HIS C 178 -38.29 15.98 14.42
C HIS C 178 -36.97 16.03 13.67
N ARG C 179 -36.28 14.90 13.63
CA ARG C 179 -34.99 14.76 12.98
C ARG C 179 -35.14 14.36 11.50
N LEU C 180 -34.57 15.17 10.62
CA LEU C 180 -34.58 14.89 9.20
C LEU C 180 -33.30 14.15 8.80
N ILE C 181 -33.27 13.67 7.56
CA ILE C 181 -32.19 12.82 7.08
C ILE C 181 -32.21 12.88 5.56
N ASN C 182 -31.12 12.49 4.92
CA ASN C 182 -31.02 12.69 3.47
C ASN C 182 -30.88 11.40 2.69
N VAL C 183 -31.70 10.40 2.98
CA VAL C 183 -31.71 9.14 2.24
C VAL C 183 -33.09 8.94 1.63
N PHE C 184 -33.12 8.66 0.33
CA PHE C 184 -34.32 8.39 -0.44
C PHE C 184 -34.12 7.09 -1.19
N PRO C 185 -35.19 6.43 -1.59
CA PRO C 185 -35.04 5.27 -2.48
C PRO C 185 -34.64 5.69 -3.90
N THR C 186 -33.85 4.84 -4.54
CA THR C 186 -33.27 5.19 -5.83
C THR C 186 -34.27 5.14 -6.98
N SER C 187 -35.45 4.54 -6.77
CA SER C 187 -36.49 4.62 -7.79
C SER C 187 -37.03 6.04 -7.92
N ALA C 188 -37.00 6.80 -6.83
CA ALA C 188 -37.38 8.21 -6.90
C ALA C 188 -36.37 9.01 -7.73
N TYR C 189 -35.09 8.70 -7.58
CA TYR C 189 -34.06 9.32 -8.42
C TYR C 189 -34.24 8.93 -9.87
N ARG C 190 -34.66 7.69 -10.11
CA ARG C 190 -34.90 7.25 -11.47
C ARG C 190 -36.07 8.00 -12.11
N SER C 191 -37.16 8.20 -11.35
CA SER C 191 -38.31 8.95 -11.87
C SER C 191 -37.97 10.41 -12.11
N GLU C 192 -37.22 11.03 -11.19
CA GLU C 192 -36.81 12.43 -11.33
C GLU C 192 -35.92 12.62 -12.56
N ALA C 193 -34.95 11.74 -12.75
CA ALA C 193 -34.06 11.87 -13.91
C ALA C 193 -34.78 11.57 -15.20
N LEU C 194 -35.76 10.65 -15.19
CA LEU C 194 -36.53 10.35 -16.39
C LEU C 194 -37.41 11.51 -16.80
N ARG C 195 -38.05 12.18 -15.84
CA ARG C 195 -38.88 13.35 -16.16
C ARG C 195 -38.03 14.52 -16.67
N ILE C 196 -36.87 14.77 -16.04
CA ILE C 196 -35.98 15.84 -16.47
C ILE C 196 -35.49 15.59 -17.89
N LEU C 197 -35.03 14.37 -18.16
CA LEU C 197 -34.55 14.06 -19.50
C LEU C 197 -35.67 14.02 -20.52
N GLN C 198 -36.91 13.76 -20.10
CA GLN C 198 -38.01 13.76 -21.06
C GLN C 198 -38.42 15.18 -21.46
N THR C 199 -38.47 16.12 -20.51
CA THR C 199 -38.78 17.49 -20.91
C THR C 199 -37.64 18.11 -21.71
N GLN C 200 -36.39 17.80 -21.34
CA GLN C 200 -35.28 18.28 -22.14
C GLN C 200 -35.26 17.60 -23.52
N GLN C 201 -35.77 16.37 -23.63
CA GLN C 201 -35.91 15.75 -24.93
C GLN C 201 -36.98 16.43 -25.77
N GLU C 202 -38.01 16.95 -25.12
CA GLU C 202 -39.00 17.76 -25.84
C GLU C 202 -38.40 19.05 -26.38
N PHE C 203 -37.44 19.65 -25.65
CA PHE C 203 -36.79 20.86 -26.17
C PHE C 203 -35.56 20.56 -27.03
N ASN C 204 -34.58 19.83 -26.47
CA ASN C 204 -33.30 19.58 -27.13
C ASN C 204 -33.41 18.41 -28.09
N PRO C 205 -32.90 18.52 -29.32
CA PRO C 205 -32.89 17.37 -30.23
C PRO C 205 -31.66 16.48 -30.10
N GLN C 206 -30.61 16.93 -29.42
CA GLN C 206 -29.37 16.18 -29.32
C GLN C 206 -29.48 15.03 -28.32
N ILE C 207 -30.40 15.11 -27.37
CA ILE C 207 -30.66 14.05 -26.41
C ILE C 207 -31.44 12.95 -27.13
N THR C 208 -30.80 11.81 -27.34
CA THR C 208 -31.42 10.65 -27.98
C THR C 208 -31.83 9.67 -26.88
N ASP C 209 -32.59 8.63 -27.25
CA ASP C 209 -33.08 7.69 -26.25
C ASP C 209 -32.02 6.73 -25.77
N GLU C 210 -31.05 6.39 -26.62
CA GLU C 210 -29.92 5.59 -26.15
C GLU C 210 -29.09 6.35 -25.13
N PHE C 211 -29.02 7.67 -25.26
CA PHE C 211 -28.38 8.53 -24.26
C PHE C 211 -29.13 8.46 -22.94
N ILE C 212 -30.46 8.44 -22.99
CA ILE C 212 -31.28 8.36 -21.79
C ILE C 212 -31.06 7.02 -21.08
N ASN C 213 -31.04 5.93 -21.84
CA ASN C 213 -30.85 4.63 -21.22
C ASN C 213 -29.43 4.43 -20.71
N ARG C 214 -28.43 5.01 -21.39
CA ARG C 214 -27.06 4.92 -20.89
C ARG C 214 -26.87 5.71 -19.61
N TYR C 215 -27.49 6.90 -19.52
CA TYR C 215 -27.43 7.65 -18.28
C TYR C 215 -28.14 6.93 -17.15
N LEU C 216 -29.29 6.31 -17.44
CA LEU C 216 -30.00 5.61 -16.38
C LEU C 216 -29.30 4.31 -15.96
N GLU C 217 -28.45 3.76 -16.83
CA GLU C 217 -27.64 2.63 -16.40
C GLU C 217 -26.40 3.06 -15.62
N ILE C 218 -25.85 4.24 -15.90
CA ILE C 218 -24.81 4.79 -15.03
C ILE C 218 -25.39 5.12 -13.67
N LEU C 219 -26.62 5.65 -13.63
CA LEU C 219 -27.19 6.15 -12.38
C LEU C 219 -27.58 5.02 -11.44
N THR C 220 -28.33 4.02 -11.93
CA THR C 220 -28.85 2.97 -11.07
C THR C 220 -28.20 1.62 -11.31
N GLY C 221 -26.93 1.59 -11.65
CA GLY C 221 -26.27 0.33 -11.93
C GLY C 221 -25.31 -0.15 -10.87
N LYS C 222 -25.72 -1.16 -10.10
CA LYS C 222 -24.88 -1.78 -9.09
C LYS C 222 -24.65 -3.23 -9.45
N ARG C 223 -23.46 -3.73 -9.12
CA ARG C 223 -23.15 -5.12 -9.34
C ARG C 223 -23.96 -5.99 -8.40
N LYS C 224 -24.10 -7.27 -8.76
CA LYS C 224 -24.77 -8.19 -7.86
C LYS C 224 -23.80 -8.70 -6.82
N TYR C 225 -24.34 -9.16 -5.69
CA TYR C 225 -23.49 -9.57 -4.59
C TYR C 225 -22.78 -10.88 -4.84
N TYR C 226 -23.17 -11.64 -5.86
CA TYR C 226 -22.50 -12.87 -6.24
C TYR C 226 -21.69 -12.72 -7.50
N HIS C 227 -21.50 -11.49 -7.98
CA HIS C 227 -20.69 -11.21 -9.15
C HIS C 227 -19.28 -10.79 -8.81
N GLY C 228 -19.10 -10.03 -7.74
CA GLY C 228 -17.79 -9.68 -7.27
C GLY C 228 -17.09 -8.65 -8.14
N PRO C 229 -15.87 -8.29 -7.79
CA PRO C 229 -15.12 -7.33 -8.60
C PRO C 229 -14.56 -7.99 -9.85
N GLY C 230 -14.18 -7.16 -10.79
CA GLY C 230 -13.52 -7.64 -11.98
C GLY C 230 -14.24 -7.24 -13.25
N ASN C 231 -13.67 -7.71 -14.35
CA ASN C 231 -14.12 -7.43 -15.70
C ASN C 231 -13.75 -8.65 -16.52
N GLU C 232 -14.10 -8.64 -17.81
CA GLU C 232 -13.69 -9.73 -18.67
C GLU C 232 -12.19 -9.70 -18.92
N LYS C 233 -11.59 -8.51 -18.93
CA LYS C 233 -10.17 -8.38 -19.18
C LYS C 233 -9.37 -8.04 -17.94
N SER C 234 -9.99 -7.84 -16.78
CA SER C 234 -9.27 -7.43 -15.59
C SER C 234 -8.68 -8.59 -14.81
N ARG C 235 -9.43 -9.68 -14.66
CA ARG C 235 -8.96 -10.95 -14.10
C ARG C 235 -8.45 -10.83 -12.66
N THR C 236 -9.30 -10.33 -11.78
CA THR C 236 -8.96 -10.36 -10.37
C THR C 236 -9.18 -11.76 -9.79
N ASP C 237 -8.76 -11.97 -8.56
CA ASP C 237 -8.94 -13.26 -7.90
C ASP C 237 -9.92 -13.17 -6.73
N TYR C 238 -10.81 -12.18 -6.76
CA TYR C 238 -11.78 -11.97 -5.70
C TYR C 238 -13.21 -12.13 -6.17
N GLY C 239 -13.45 -12.25 -7.48
CA GLY C 239 -14.79 -12.42 -8.00
C GLY C 239 -14.86 -13.51 -9.05
N ARG C 240 -15.67 -13.23 -10.08
CA ARG C 240 -16.14 -14.26 -11.00
C ARG C 240 -15.04 -14.70 -11.95
N TYR C 241 -14.61 -13.77 -12.79
CA TYR C 241 -13.51 -13.98 -13.71
C TYR C 241 -12.24 -14.24 -12.92
N ARG C 242 -11.52 -15.30 -13.24
CA ARG C 242 -10.41 -15.77 -12.42
C ARG C 242 -9.08 -15.66 -13.17
N THR C 243 -8.00 -15.87 -12.43
CA THR C 243 -6.67 -15.80 -13.01
C THR C 243 -6.27 -17.10 -13.69
N SER C 244 -7.03 -18.17 -13.48
CA SER C 244 -6.82 -19.44 -14.15
C SER C 244 -7.54 -19.52 -15.49
N GLY C 245 -8.12 -18.41 -15.95
CA GLY C 245 -8.82 -18.34 -17.21
C GLY C 245 -10.23 -18.87 -17.19
N GLU C 246 -10.77 -19.20 -16.02
CA GLU C 246 -12.10 -19.78 -15.89
C GLU C 246 -13.07 -18.73 -15.36
N THR C 247 -14.22 -18.62 -16.00
CA THR C 247 -15.27 -17.72 -15.52
C THR C 247 -16.31 -18.54 -14.75
N LEU C 248 -16.54 -18.17 -13.50
CA LEU C 248 -17.47 -18.84 -12.61
C LEU C 248 -18.78 -18.09 -12.64
N ASP C 249 -19.88 -18.80 -12.83
CA ASP C 249 -21.18 -18.14 -12.92
C ASP C 249 -21.57 -17.49 -11.60
N ASN C 250 -21.41 -18.21 -10.49
CA ASN C 250 -21.70 -17.68 -9.17
C ASN C 250 -20.46 -17.96 -8.34
N ILE C 251 -19.93 -16.93 -7.66
CA ILE C 251 -18.70 -17.08 -6.89
C ILE C 251 -18.86 -18.04 -5.73
N PHE C 252 -20.02 -18.06 -5.10
CA PHE C 252 -20.20 -18.91 -3.92
C PHE C 252 -20.30 -20.39 -4.26
N GLY C 253 -20.53 -20.72 -5.54
CA GLY C 253 -20.56 -22.11 -5.99
C GLY C 253 -19.29 -22.88 -5.68
N ILE C 254 -18.13 -22.29 -6.02
CA ILE C 254 -16.83 -22.84 -5.65
C ILE C 254 -16.68 -23.06 -4.16
N LEU C 255 -17.31 -22.23 -3.34
CA LEU C 255 -17.16 -22.36 -1.89
C LEU C 255 -17.92 -23.54 -1.27
N ILE C 256 -18.65 -24.35 -2.03
CA ILE C 256 -19.41 -25.45 -1.45
C ILE C 256 -18.47 -26.57 -1.04
N GLY C 257 -18.72 -27.17 0.12
CA GLY C 257 -17.87 -28.22 0.65
C GLY C 257 -17.94 -29.49 -0.15
N LYS C 258 -17.11 -30.44 0.24
CA LYS C 258 -16.93 -31.68 -0.49
C LYS C 258 -17.67 -32.83 0.20
N CYS C 259 -17.79 -33.94 -0.53
CA CYS C 259 -18.44 -35.12 0.01
C CYS C 259 -17.61 -35.73 1.13
N THR C 260 -18.27 -36.51 1.98
CA THR C 260 -17.61 -37.02 3.17
C THR C 260 -16.84 -38.30 2.89
N PHE C 261 -17.02 -38.90 1.72
CA PHE C 261 -16.27 -40.09 1.36
C PHE C 261 -15.59 -40.02 0.00
N TYR C 262 -16.01 -39.13 -0.89
CA TYR C 262 -15.30 -38.86 -2.14
C TYR C 262 -14.86 -37.42 -2.12
N PRO C 263 -13.58 -37.12 -1.84
CA PRO C 263 -13.15 -35.73 -1.70
C PRO C 263 -12.94 -34.98 -3.00
N ASP C 264 -13.40 -35.50 -4.13
CA ASP C 264 -13.30 -34.81 -5.40
C ASP C 264 -14.66 -34.51 -6.02
N GLU C 265 -15.74 -34.96 -5.41
CA GLU C 265 -17.10 -34.68 -5.88
C GLU C 265 -17.75 -33.64 -4.99
N PHE C 266 -18.66 -32.87 -5.58
CA PHE C 266 -19.31 -31.79 -4.85
C PHE C 266 -20.52 -32.29 -4.07
N ARG C 267 -20.78 -31.61 -2.96
CA ARG C 267 -21.86 -31.91 -2.05
C ARG C 267 -23.21 -31.73 -2.76
N ALA C 268 -24.19 -32.53 -2.37
CA ALA C 268 -25.46 -32.61 -3.09
C ALA C 268 -26.54 -31.75 -2.45
N ALA C 269 -27.41 -31.19 -3.29
CA ALA C 269 -28.43 -30.25 -2.85
C ALA C 269 -29.58 -30.97 -2.15
N LYS C 270 -30.12 -30.32 -1.12
CA LYS C 270 -31.12 -30.97 -0.29
C LYS C 270 -32.46 -31.10 -0.98
N ALA C 271 -32.75 -30.28 -1.98
CA ALA C 271 -34.03 -30.29 -2.66
C ALA C 271 -34.00 -31.14 -3.92
N SER C 272 -33.06 -32.08 -4.03
CA SER C 272 -33.00 -32.90 -5.22
C SER C 272 -33.99 -34.06 -5.11
N TYR C 273 -33.95 -34.95 -6.10
CA TYR C 273 -34.76 -36.15 -5.99
C TYR C 273 -34.05 -37.22 -5.19
N THR C 274 -32.76 -37.41 -5.46
CA THR C 274 -32.01 -38.50 -4.85
C THR C 274 -31.81 -38.29 -3.36
N ALA C 275 -31.62 -37.04 -2.92
CA ALA C 275 -31.44 -36.78 -1.51
C ALA C 275 -32.73 -37.00 -0.73
N GLN C 276 -33.86 -36.64 -1.31
CA GLN C 276 -35.13 -36.84 -0.63
C GLN C 276 -35.53 -38.32 -0.59
N GLU C 277 -35.26 -39.05 -1.67
CA GLU C 277 -35.42 -40.50 -1.66
C GLU C 277 -34.57 -41.15 -0.58
N PHE C 278 -33.28 -40.80 -0.55
CA PHE C 278 -32.34 -41.31 0.44
C PHE C 278 -32.81 -41.00 1.87
N ASN C 279 -33.34 -39.81 2.10
CA ASN C 279 -33.75 -39.45 3.45
C ASN C 279 -35.02 -40.17 3.87
N LEU C 280 -36.00 -40.29 2.96
CA LEU C 280 -37.22 -41.02 3.28
C LEU C 280 -36.93 -42.49 3.51
N LEU C 281 -36.03 -43.07 2.73
CA LEU C 281 -35.71 -44.47 2.87
C LEU C 281 -34.84 -44.75 4.07
N ASN C 282 -34.02 -43.79 4.48
CA ASN C 282 -33.25 -43.98 5.69
C ASN C 282 -34.10 -43.75 6.93
N ASP C 283 -35.20 -43.01 6.81
CA ASP C 283 -36.11 -42.89 7.94
C ASP C 283 -37.07 -44.07 8.01
N LEU C 284 -37.41 -44.69 6.88
CA LEU C 284 -38.31 -45.83 6.90
C LEU C 284 -37.65 -47.08 7.45
N ASN C 285 -36.35 -47.25 7.21
CA ASN C 285 -35.61 -48.37 7.74
C ASN C 285 -35.17 -48.17 9.18
N ASN C 286 -35.48 -47.01 9.77
CA ASN C 286 -35.26 -46.79 11.19
C ASN C 286 -36.35 -47.40 12.04
N LEU C 287 -37.49 -47.72 11.45
CA LEU C 287 -38.63 -48.26 12.16
C LEU C 287 -38.38 -49.68 12.63
N LEU C 296 -40.17 -54.04 7.23
CA LEU C 296 -40.84 -53.70 5.98
C LEU C 296 -40.17 -54.41 4.81
N SER C 297 -40.96 -54.82 3.82
CA SER C 297 -40.44 -55.54 2.67
C SER C 297 -39.97 -54.56 1.61
N LYS C 298 -39.61 -55.09 0.44
CA LYS C 298 -39.23 -54.26 -0.69
C LYS C 298 -40.45 -53.66 -1.37
N GLU C 299 -41.50 -54.47 -1.54
CA GLU C 299 -42.71 -54.02 -2.23
C GLU C 299 -43.47 -52.99 -1.40
N GLN C 300 -43.46 -53.15 -0.07
CA GLN C 300 -44.09 -52.15 0.78
C GLN C 300 -43.36 -50.81 0.72
N LYS C 301 -42.02 -50.84 0.65
CA LYS C 301 -41.25 -49.62 0.53
C LYS C 301 -41.50 -48.95 -0.82
N ASN C 302 -41.58 -49.73 -1.89
CA ASN C 302 -41.90 -49.17 -3.21
C ASN C 302 -43.29 -48.58 -3.23
N GLN C 303 -44.25 -49.22 -2.55
CA GLN C 303 -45.62 -48.72 -2.49
C GLN C 303 -45.70 -47.43 -1.68
N ILE C 304 -44.95 -47.34 -0.59
CA ILE C 304 -44.95 -46.12 0.23
C ILE C 304 -44.32 -44.97 -0.55
N ILE C 305 -43.25 -45.25 -1.31
CA ILE C 305 -42.60 -44.23 -2.11
C ILE C 305 -43.53 -43.75 -3.23
N ASN C 306 -44.24 -44.67 -3.90
CA ASN C 306 -45.18 -44.26 -4.94
C ASN C 306 -46.37 -43.51 -4.38
N TYR C 307 -46.81 -43.85 -3.17
CA TYR C 307 -47.91 -43.16 -2.53
C TYR C 307 -47.54 -41.73 -2.19
N VAL C 308 -46.37 -41.51 -1.57
CA VAL C 308 -45.98 -40.14 -1.23
C VAL C 308 -45.55 -39.37 -2.48
N LYS C 309 -45.18 -40.06 -3.55
CA LYS C 309 -44.80 -39.41 -4.78
C LYS C 309 -45.99 -39.00 -5.63
N ASN C 310 -47.15 -39.63 -5.48
CA ASN C 310 -48.27 -39.33 -6.36
C ASN C 310 -49.44 -38.60 -5.71
N GLU C 311 -49.53 -38.55 -4.40
CA GLU C 311 -50.64 -37.86 -3.74
C GLU C 311 -50.20 -36.49 -3.23
N LYS C 312 -51.18 -35.62 -2.98
CA LYS C 312 -50.93 -34.23 -2.63
C LYS C 312 -51.44 -33.92 -1.23
N ALA C 313 -50.85 -32.89 -0.63
CA ALA C 313 -51.25 -32.26 0.64
C ALA C 313 -51.24 -33.26 1.81
N MET C 314 -50.04 -33.73 2.13
CA MET C 314 -49.88 -34.67 3.23
C MET C 314 -48.82 -34.17 4.20
N GLY C 315 -48.70 -34.87 5.32
CA GLY C 315 -47.69 -34.61 6.31
C GLY C 315 -47.16 -35.89 6.91
N PRO C 316 -46.83 -35.87 8.19
CA PRO C 316 -46.40 -37.10 8.86
C PRO C 316 -47.57 -37.97 9.29
N ALA C 317 -48.73 -37.35 9.53
CA ALA C 317 -49.85 -38.05 10.15
C ALA C 317 -50.51 -39.01 9.17
N LYS C 318 -50.76 -38.54 7.95
CA LYS C 318 -51.35 -39.39 6.90
C LYS C 318 -50.40 -40.54 6.55
N LEU C 319 -49.09 -40.27 6.55
CA LEU C 319 -48.12 -41.32 6.26
C LEU C 319 -48.06 -42.36 7.37
N PHE C 320 -48.12 -41.94 8.63
CA PHE C 320 -48.08 -42.93 9.71
C PHE C 320 -49.38 -43.73 9.78
N LYS C 321 -50.51 -43.09 9.45
CA LYS C 321 -51.76 -43.83 9.31
C LYS C 321 -51.70 -44.82 8.16
N TYR C 322 -51.00 -44.46 7.07
CA TYR C 322 -50.91 -45.37 5.94
C TYR C 322 -49.97 -46.53 6.21
N ILE C 323 -48.89 -46.30 6.98
CA ILE C 323 -48.04 -47.42 7.39
C ILE C 323 -48.77 -48.32 8.38
N ALA C 324 -49.62 -47.73 9.24
CA ALA C 324 -50.45 -48.54 10.13
C ALA C 324 -51.47 -49.36 9.34
N LYS C 325 -52.02 -48.79 8.27
CA LYS C 325 -53.04 -49.47 7.49
C LYS C 325 -52.46 -50.56 6.61
N LEU C 326 -51.30 -50.33 6.00
CA LEU C 326 -50.72 -51.34 5.12
C LEU C 326 -50.13 -52.51 5.90
N LEU C 327 -49.60 -52.26 7.08
CA LEU C 327 -49.03 -53.33 7.88
C LEU C 327 -50.05 -54.08 8.73
N SER C 328 -51.29 -53.60 8.76
CA SER C 328 -52.39 -54.10 9.61
C SER C 328 -51.97 -54.18 11.08
N CYS C 329 -51.52 -53.04 11.61
CA CYS C 329 -51.11 -52.97 13.00
C CYS C 329 -51.45 -51.59 13.55
N ASP C 330 -51.78 -51.54 14.83
CA ASP C 330 -52.12 -50.28 15.47
C ASP C 330 -50.88 -49.42 15.63
N VAL C 331 -51.06 -48.10 15.61
CA VAL C 331 -49.92 -47.19 15.69
C VAL C 331 -49.43 -47.13 17.14
N ALA C 332 -48.55 -48.06 17.46
CA ALA C 332 -47.90 -48.34 18.73
C ALA C 332 -46.94 -49.48 18.46
N ASP C 333 -45.93 -49.62 19.33
CA ASP C 333 -44.75 -50.48 19.10
C ASP C 333 -44.04 -50.17 17.77
N ILE C 334 -44.15 -48.91 17.32
CA ILE C 334 -43.40 -48.43 16.17
C ILE C 334 -42.09 -47.87 16.71
N LYS C 335 -40.97 -48.43 16.23
CA LYS C 335 -39.74 -48.44 17.02
C LYS C 335 -39.07 -47.07 17.09
N GLY C 336 -38.63 -46.54 15.95
CA GLY C 336 -37.89 -45.29 15.97
C GLY C 336 -38.23 -44.28 14.91
N TYR C 337 -38.67 -43.10 15.33
CA TYR C 337 -38.92 -42.00 14.41
C TYR C 337 -38.42 -40.70 15.04
N ARG C 338 -38.16 -39.72 14.19
CA ARG C 338 -37.66 -38.44 14.68
C ARG C 338 -38.77 -37.65 15.33
N ILE C 339 -38.40 -36.79 16.27
CA ILE C 339 -39.33 -35.93 16.98
C ILE C 339 -38.66 -34.58 17.19
N ASP C 340 -39.42 -33.49 17.04
CA ASP C 340 -38.82 -32.17 17.05
C ASP C 340 -38.66 -31.62 18.47
N LYS C 341 -39.70 -31.70 19.27
CA LYS C 341 -39.77 -31.11 20.60
C LYS C 341 -40.62 -32.03 21.46
N SER C 342 -41.15 -31.50 22.57
CA SER C 342 -41.95 -32.31 23.49
C SER C 342 -43.27 -32.80 22.88
N GLY C 343 -43.72 -32.20 21.77
CA GLY C 343 -45.00 -32.56 21.20
C GLY C 343 -44.96 -33.65 20.15
N LYS C 344 -45.39 -33.32 18.93
CA LYS C 344 -45.67 -34.30 17.89
C LYS C 344 -44.36 -34.84 17.32
N ALA C 345 -44.46 -35.93 16.56
CA ALA C 345 -43.33 -36.52 15.84
C ALA C 345 -43.23 -35.92 14.44
N GLU C 346 -42.23 -36.40 13.69
CA GLU C 346 -41.96 -35.87 12.36
C GLU C 346 -41.31 -36.95 11.51
N ILE C 347 -41.43 -36.81 10.19
CA ILE C 347 -40.84 -37.76 9.25
C ILE C 347 -40.63 -37.04 7.94
N HIS C 348 -39.69 -37.53 7.14
CA HIS C 348 -39.44 -36.99 5.82
C HIS C 348 -40.56 -37.38 4.87
N THR C 349 -41.26 -36.38 4.37
CA THR C 349 -42.02 -36.54 3.13
C THR C 349 -41.14 -35.99 2.02
N PHE C 350 -41.68 -35.86 0.82
CA PHE C 350 -40.87 -35.29 -0.24
C PHE C 350 -40.83 -33.77 -0.14
N GLU C 351 -41.99 -33.12 -0.21
CA GLU C 351 -42.26 -31.74 0.23
C GLU C 351 -41.63 -30.68 -0.67
N ALA C 352 -40.70 -31.05 -1.52
CA ALA C 352 -40.28 -30.19 -2.60
C ALA C 352 -40.61 -30.76 -3.96
N TYR C 353 -40.62 -32.08 -4.09
CA TYR C 353 -41.14 -32.70 -5.31
C TYR C 353 -42.63 -32.45 -5.46
N ARG C 354 -43.37 -32.43 -4.35
CA ARG C 354 -44.78 -32.14 -4.41
C ARG C 354 -45.06 -30.67 -4.70
N LYS C 355 -44.20 -29.77 -4.22
CA LYS C 355 -44.38 -28.36 -4.52
C LYS C 355 -43.83 -27.99 -5.88
N MET C 356 -42.97 -28.82 -6.46
CA MET C 356 -42.56 -28.68 -7.84
C MET C 356 -43.54 -29.33 -8.80
N LYS C 357 -44.37 -30.24 -8.30
CA LYS C 357 -45.41 -30.88 -9.11
C LYS C 357 -46.53 -29.91 -9.48
N THR C 358 -46.72 -28.83 -8.73
CA THR C 358 -47.77 -27.86 -8.98
C THR C 358 -47.36 -26.78 -9.97
N LEU C 359 -46.35 -27.03 -10.81
CA LEU C 359 -45.89 -26.06 -11.79
C LEU C 359 -46.56 -26.34 -13.12
N GLU C 360 -47.21 -25.32 -13.68
CA GLU C 360 -48.13 -25.52 -14.79
C GLU C 360 -47.44 -25.54 -16.15
N THR C 361 -46.36 -24.77 -16.31
CA THR C 361 -45.80 -24.60 -17.63
C THR C 361 -44.92 -25.78 -18.05
N LEU C 362 -44.11 -26.31 -17.14
CA LEU C 362 -43.23 -27.42 -17.46
C LEU C 362 -43.75 -28.70 -16.80
N ASP C 363 -43.56 -29.83 -17.48
CA ASP C 363 -44.00 -31.12 -16.97
C ASP C 363 -42.84 -31.77 -16.23
N ILE C 364 -43.12 -32.29 -15.04
CA ILE C 364 -42.07 -32.72 -14.12
C ILE C 364 -42.17 -34.19 -13.76
N GLU C 365 -43.27 -34.86 -14.12
CA GLU C 365 -43.44 -36.28 -13.84
C GLU C 365 -42.52 -37.18 -14.66
N GLN C 366 -41.89 -36.65 -15.71
CA GLN C 366 -41.27 -37.53 -16.69
C GLN C 366 -39.89 -37.06 -17.16
N MET C 367 -39.20 -36.22 -16.40
CA MET C 367 -38.01 -35.58 -16.99
C MET C 367 -36.82 -36.52 -17.01
N ASP C 368 -36.23 -36.80 -15.84
CA ASP C 368 -35.07 -37.67 -15.67
C ASP C 368 -34.83 -37.79 -14.17
N ARG C 369 -33.72 -38.42 -13.80
CA ARG C 369 -33.20 -38.32 -12.45
C ARG C 369 -32.19 -37.17 -12.34
N GLU C 370 -31.29 -37.04 -13.32
CA GLU C 370 -30.19 -36.09 -13.17
C GLU C 370 -30.61 -34.66 -13.50
N THR C 371 -31.63 -34.47 -14.33
CA THR C 371 -32.13 -33.12 -14.56
C THR C 371 -32.83 -32.57 -13.33
N LEU C 372 -33.45 -33.44 -12.53
CA LEU C 372 -34.00 -33.00 -11.25
C LEU C 372 -32.89 -32.55 -10.30
N ASP C 373 -31.74 -33.21 -10.35
CA ASP C 373 -30.61 -32.82 -9.52
C ASP C 373 -30.01 -31.49 -9.99
N LYS C 374 -29.87 -31.30 -11.29
CA LYS C 374 -29.35 -30.02 -11.79
C LYS C 374 -30.33 -28.88 -11.55
N LEU C 375 -31.63 -29.15 -11.68
CA LEU C 375 -32.63 -28.13 -11.46
C LEU C 375 -32.69 -27.74 -9.99
N ALA C 376 -32.51 -28.71 -9.09
CA ALA C 376 -32.45 -28.39 -7.67
C ALA C 376 -31.17 -27.66 -7.31
N TYR C 377 -30.07 -27.94 -8.01
CA TYR C 377 -28.83 -27.20 -7.79
C TYR C 377 -28.97 -25.74 -8.20
N VAL C 378 -29.58 -25.50 -9.36
CA VAL C 378 -29.74 -24.14 -9.86
C VAL C 378 -30.74 -23.37 -9.01
N LEU C 379 -31.77 -24.03 -8.49
CA LEU C 379 -32.70 -23.32 -7.61
C LEU C 379 -32.14 -23.14 -6.20
N THR C 380 -31.25 -24.01 -5.75
CA THR C 380 -30.72 -23.86 -4.40
C THR C 380 -29.66 -22.78 -4.35
N LEU C 381 -28.82 -22.67 -5.38
CA LEU C 381 -27.71 -21.74 -5.32
C LEU C 381 -28.18 -20.30 -5.46
N ASN C 382 -28.92 -20.00 -6.52
CA ASN C 382 -29.21 -18.63 -6.92
C ASN C 382 -30.55 -18.14 -6.37
N THR C 383 -30.58 -16.88 -5.96
CA THR C 383 -31.81 -16.27 -5.47
C THR C 383 -32.38 -15.20 -6.40
N GLU C 384 -31.55 -14.55 -7.20
CA GLU C 384 -32.00 -13.50 -8.09
C GLU C 384 -32.47 -14.11 -9.40
N ARG C 385 -33.23 -13.32 -10.18
CA ARG C 385 -33.74 -13.84 -11.43
C ARG C 385 -32.66 -13.90 -12.50
N GLU C 386 -31.65 -13.03 -12.41
CA GLU C 386 -30.59 -13.01 -13.41
C GLU C 386 -29.66 -14.19 -13.24
N GLY C 387 -29.38 -14.58 -12.00
CA GLY C 387 -28.56 -15.75 -11.76
C GLY C 387 -29.24 -17.04 -12.14
N ILE C 388 -30.55 -17.15 -11.87
CA ILE C 388 -31.33 -18.31 -12.29
C ILE C 388 -31.38 -18.39 -13.81
N GLN C 389 -31.57 -17.26 -14.47
CA GLN C 389 -31.64 -17.23 -15.93
C GLN C 389 -30.32 -17.64 -16.57
N GLU C 390 -29.21 -17.07 -16.09
CA GLU C 390 -27.91 -17.41 -16.67
C GLU C 390 -27.51 -18.84 -16.36
N ALA C 391 -27.85 -19.36 -15.18
CA ALA C 391 -27.53 -20.74 -14.87
C ALA C 391 -28.37 -21.72 -15.68
N LEU C 392 -29.62 -21.37 -15.97
CA LEU C 392 -30.44 -22.23 -16.82
C LEU C 392 -29.94 -22.22 -18.24
N GLU C 393 -29.38 -21.10 -18.69
CA GLU C 393 -28.83 -21.07 -20.04
C GLU C 393 -27.47 -21.75 -20.13
N HIS C 394 -26.73 -21.82 -19.02
CA HIS C 394 -25.35 -22.33 -19.05
C HIS C 394 -25.18 -23.69 -18.38
N GLU C 395 -26.26 -24.34 -17.94
CA GLU C 395 -26.14 -25.65 -17.34
C GLU C 395 -27.06 -26.71 -17.95
N PHE C 396 -27.95 -26.32 -18.84
CA PHE C 396 -28.89 -27.24 -19.47
C PHE C 396 -28.71 -27.20 -20.98
N ALA C 397 -27.47 -27.40 -21.43
CA ALA C 397 -27.18 -27.39 -22.86
C ALA C 397 -27.94 -28.50 -23.56
N ASP C 398 -28.49 -28.14 -24.73
CA ASP C 398 -29.51 -28.91 -25.45
C ASP C 398 -30.69 -29.24 -24.54
N GLY C 399 -31.14 -28.24 -23.79
CA GLY C 399 -32.32 -28.37 -22.95
C GLY C 399 -33.45 -27.56 -23.54
N SER C 400 -33.10 -26.42 -24.14
CA SER C 400 -33.97 -25.55 -24.94
C SER C 400 -35.24 -25.15 -24.19
N PHE C 401 -35.04 -24.38 -23.12
CA PHE C 401 -36.20 -24.00 -22.32
C PHE C 401 -36.98 -22.87 -22.98
N SER C 402 -38.20 -22.67 -22.50
CA SER C 402 -39.09 -21.62 -22.96
C SER C 402 -38.98 -20.43 -22.02
N GLN C 403 -39.43 -19.26 -22.50
CA GLN C 403 -39.30 -18.05 -21.71
C GLN C 403 -40.31 -18.04 -20.56
N LYS C 404 -41.51 -18.58 -20.80
CA LYS C 404 -42.52 -18.61 -19.76
C LYS C 404 -42.16 -19.62 -18.68
N GLN C 405 -41.39 -20.65 -19.06
CA GLN C 405 -40.87 -21.58 -18.05
C GLN C 405 -39.88 -20.88 -17.14
N VAL C 406 -39.05 -19.98 -17.69
CA VAL C 406 -38.10 -19.24 -16.86
C VAL C 406 -38.83 -18.27 -15.94
N ASP C 407 -39.91 -17.64 -16.43
CA ASP C 407 -40.64 -16.72 -15.56
C ASP C 407 -41.38 -17.47 -14.45
N GLU C 408 -41.94 -18.64 -14.77
CA GLU C 408 -42.59 -19.43 -13.72
C GLU C 408 -41.56 -20.00 -12.74
N LEU C 409 -40.36 -20.30 -13.21
CA LEU C 409 -39.32 -20.80 -12.32
C LEU C 409 -38.82 -19.73 -11.36
N VAL C 410 -38.62 -18.51 -11.85
CA VAL C 410 -38.20 -17.44 -10.93
C VAL C 410 -39.34 -17.05 -9.99
N GLN C 411 -40.60 -17.14 -10.43
CA GLN C 411 -41.72 -16.88 -9.55
C GLN C 411 -41.84 -17.95 -8.47
N PHE C 412 -41.55 -19.20 -8.83
CA PHE C 412 -41.62 -20.30 -7.88
C PHE C 412 -40.48 -20.24 -6.89
N ARG C 413 -39.31 -19.80 -7.32
CA ARG C 413 -38.19 -19.62 -6.40
C ARG C 413 -38.45 -18.49 -5.43
N LYS C 414 -39.02 -17.38 -5.91
CA LYS C 414 -39.33 -16.28 -5.01
C LYS C 414 -40.52 -16.58 -4.11
N ALA C 415 -41.38 -17.54 -4.50
CA ALA C 415 -42.57 -17.86 -3.74
C ALA C 415 -42.25 -18.46 -2.37
N ASN C 416 -41.62 -19.64 -2.34
CA ASN C 416 -41.35 -20.35 -1.09
C ASN C 416 -39.84 -20.55 -0.95
N SER C 417 -39.17 -19.54 -0.43
CA SER C 417 -37.72 -19.56 -0.29
C SER C 417 -37.26 -20.14 1.05
N SER C 418 -38.17 -20.47 1.94
CA SER C 418 -37.79 -21.17 3.15
C SER C 418 -37.53 -22.64 2.91
N ILE C 419 -37.91 -23.16 1.76
CA ILE C 419 -37.76 -24.56 1.42
C ILE C 419 -36.57 -24.78 0.49
N PHE C 420 -36.33 -23.87 -0.44
CA PHE C 420 -35.17 -24.00 -1.31
C PHE C 420 -33.91 -23.38 -0.71
N GLY C 421 -34.05 -22.42 0.19
CA GLY C 421 -32.88 -21.85 0.82
C GLY C 421 -32.48 -22.57 2.08
N LYS C 422 -32.42 -23.90 2.04
CA LYS C 422 -32.17 -24.70 3.22
C LYS C 422 -30.70 -25.07 3.39
N GLY C 423 -30.09 -25.66 2.38
CA GLY C 423 -28.69 -26.01 2.51
C GLY C 423 -28.31 -27.14 1.58
N TRP C 424 -27.30 -27.90 2.01
CA TRP C 424 -26.67 -28.94 1.19
C TRP C 424 -26.48 -30.19 2.02
N HIS C 425 -27.01 -31.31 1.54
CA HIS C 425 -26.93 -32.58 2.23
C HIS C 425 -25.52 -33.13 2.16
N ASN C 426 -24.99 -33.64 3.29
CA ASN C 426 -23.56 -33.90 3.46
C ASN C 426 -22.97 -34.93 2.51
N PHE C 427 -23.78 -35.75 1.85
CA PHE C 427 -23.24 -36.72 0.90
C PHE C 427 -23.23 -36.11 -0.50
N SER C 428 -22.88 -36.90 -1.50
CA SER C 428 -22.97 -36.47 -2.88
C SER C 428 -23.87 -37.44 -3.65
N VAL C 429 -24.13 -37.11 -4.91
CA VAL C 429 -25.06 -37.94 -5.68
C VAL C 429 -24.40 -39.23 -6.13
N LYS C 430 -23.07 -39.27 -6.22
CA LYS C 430 -22.37 -40.50 -6.57
C LYS C 430 -22.52 -41.54 -5.46
N LEU C 431 -22.24 -41.14 -4.22
CA LEU C 431 -22.37 -42.06 -3.10
C LEU C 431 -23.83 -42.42 -2.83
N MET C 432 -24.75 -41.49 -3.08
CA MET C 432 -26.15 -41.81 -2.88
C MET C 432 -26.73 -42.60 -4.03
N MET C 433 -26.04 -42.67 -5.17
CA MET C 433 -26.42 -43.61 -6.20
C MET C 433 -25.79 -44.96 -6.00
N GLU C 434 -24.68 -45.01 -5.26
CA GLU C 434 -24.10 -46.29 -4.87
C GLU C 434 -24.86 -46.93 -3.72
N LEU C 435 -25.48 -46.13 -2.85
CA LEU C 435 -26.11 -46.65 -1.64
C LEU C 435 -27.62 -46.83 -1.73
N ILE C 436 -28.29 -46.19 -2.67
CA ILE C 436 -29.75 -46.31 -2.72
C ILE C 436 -30.27 -47.67 -3.19
N PRO C 437 -29.68 -48.43 -4.12
CA PRO C 437 -30.30 -49.73 -4.42
C PRO C 437 -29.90 -50.83 -3.45
N GLU C 438 -29.08 -50.54 -2.45
CA GLU C 438 -28.67 -51.54 -1.48
C GLU C 438 -29.60 -51.59 -0.27
N LEU C 439 -30.19 -50.48 0.12
CA LEU C 439 -31.09 -50.47 1.27
C LEU C 439 -32.55 -50.65 0.89
N TYR C 440 -32.84 -50.99 -0.37
CA TYR C 440 -34.12 -51.60 -0.71
C TYR C 440 -34.25 -53.01 -0.15
N GLU C 441 -33.25 -53.86 -0.39
CA GLU C 441 -33.37 -55.26 -0.01
C GLU C 441 -33.05 -55.46 1.47
N THR C 442 -31.85 -55.07 1.90
CA THR C 442 -31.48 -55.23 3.28
C THR C 442 -32.20 -54.19 4.14
N SER C 443 -32.63 -54.62 5.32
CA SER C 443 -33.40 -53.75 6.21
C SER C 443 -32.53 -52.92 7.13
N GLU C 444 -31.27 -52.71 6.78
CA GLU C 444 -30.33 -51.99 7.62
C GLU C 444 -30.12 -50.57 7.12
N GLU C 445 -29.39 -49.79 7.91
CA GLU C 445 -29.30 -48.35 7.77
C GLU C 445 -28.11 -47.96 6.89
N GLN C 446 -27.80 -46.66 6.83
CA GLN C 446 -26.76 -46.20 5.93
C GLN C 446 -25.36 -46.51 6.46
N MET C 447 -25.17 -46.45 7.78
CA MET C 447 -23.84 -46.62 8.34
C MET C 447 -23.36 -48.05 8.18
N THR C 448 -24.24 -49.02 8.42
CA THR C 448 -23.86 -50.43 8.30
C THR C 448 -23.59 -50.81 6.85
N ILE C 449 -24.31 -50.23 5.90
CA ILE C 449 -24.04 -50.46 4.49
C ILE C 449 -22.71 -49.82 4.11
N LEU C 450 -22.37 -48.69 4.71
CA LEU C 450 -21.09 -48.05 4.40
C LEU C 450 -19.92 -48.84 4.96
N THR C 451 -20.07 -49.41 6.16
CA THR C 451 -19.01 -50.27 6.70
C THR C 451 -18.91 -51.59 5.95
N ARG C 452 -20.04 -52.11 5.45
CA ARG C 452 -20.01 -53.34 4.68
C ARG C 452 -19.32 -53.14 3.34
N LEU C 453 -19.60 -52.02 2.66
CA LEU C 453 -19.10 -51.78 1.31
C LEU C 453 -17.63 -51.40 1.27
N GLY C 454 -16.99 -51.17 2.42
CA GLY C 454 -15.62 -50.74 2.43
C GLY C 454 -15.41 -49.27 2.10
N LYS C 455 -16.48 -48.48 2.09
CA LYS C 455 -16.41 -47.04 1.84
C LYS C 455 -16.07 -46.31 3.14
N GLN C 456 -14.85 -46.54 3.60
CA GLN C 456 -14.39 -45.93 4.83
C GLN C 456 -13.26 -44.92 4.58
N LYS C 457 -13.07 -44.51 3.32
CA LYS C 457 -11.95 -43.63 3.02
C LYS C 457 -12.35 -42.19 3.32
N THR C 458 -11.82 -41.66 4.43
CA THR C 458 -12.01 -40.26 4.80
C THR C 458 -10.67 -39.77 5.38
N THR C 459 -9.73 -39.51 4.48
CA THR C 459 -8.37 -39.16 4.85
C THR C 459 -7.94 -37.86 4.19
N SER C 460 -6.96 -37.21 4.80
CA SER C 460 -6.34 -35.98 4.30
C SER C 460 -4.83 -36.15 4.23
N SER C 461 -4.39 -37.20 3.54
CA SER C 461 -3.04 -37.71 3.71
C SER C 461 -2.00 -36.87 2.98
N SER C 462 -0.89 -36.61 3.67
CA SER C 462 0.29 -35.98 3.12
C SER C 462 1.50 -36.61 3.78
N ASN C 463 2.49 -37.00 2.97
CA ASN C 463 3.57 -37.87 3.43
C ASN C 463 4.88 -37.10 3.59
N LYS C 464 5.48 -37.23 4.75
CA LYS C 464 6.87 -36.92 5.03
C LYS C 464 7.57 -38.20 5.45
N THR C 465 8.85 -38.10 5.82
CA THR C 465 9.57 -39.30 6.25
C THR C 465 10.14 -39.23 7.66
N LYS C 466 10.30 -38.05 8.24
CA LYS C 466 10.84 -38.02 9.59
C LYS C 466 10.02 -37.19 10.56
N TYR C 467 9.44 -36.09 10.13
CA TYR C 467 8.90 -35.07 11.03
C TYR C 467 7.38 -34.97 10.85
N ILE C 468 6.80 -33.96 11.50
CA ILE C 468 5.36 -33.77 11.54
C ILE C 468 4.99 -32.62 10.61
N ASP C 469 3.88 -32.76 9.90
CA ASP C 469 3.39 -31.69 9.04
C ASP C 469 2.43 -30.80 9.80
N GLU C 470 2.47 -29.50 9.49
CA GLU C 470 1.61 -28.53 10.16
C GLU C 470 0.33 -28.23 9.40
N LYS C 471 0.36 -28.27 8.07
CA LYS C 471 -0.85 -28.09 7.28
C LYS C 471 -1.75 -29.31 7.38
N LEU C 472 -1.19 -30.48 7.67
CA LEU C 472 -2.01 -31.64 8.01
C LEU C 472 -2.79 -31.41 9.29
N LEU C 473 -2.11 -30.94 10.33
CA LEU C 473 -2.76 -30.81 11.62
C LEU C 473 -3.70 -29.62 11.70
N THR C 474 -3.50 -28.60 10.87
CA THR C 474 -4.30 -27.39 10.90
C THR C 474 -5.42 -27.48 9.86
N GLU C 475 -6.00 -28.67 9.69
CA GLU C 475 -7.08 -28.84 8.73
C GLU C 475 -8.45 -28.53 9.31
N GLU C 476 -8.59 -28.53 10.64
CA GLU C 476 -9.84 -28.20 11.29
C GLU C 476 -9.72 -26.83 11.95
N ILE C 477 -10.66 -25.95 11.63
CA ILE C 477 -10.64 -24.57 12.06
C ILE C 477 -11.64 -24.38 13.19
N TYR C 478 -11.11 -24.14 14.39
CA TYR C 478 -11.93 -23.77 15.53
C TYR C 478 -11.88 -22.26 15.75
N ASN C 479 -10.69 -21.75 16.00
CA ASN C 479 -10.37 -20.34 16.15
C ASN C 479 -9.01 -20.16 15.50
N PRO C 480 -8.64 -18.93 15.14
CA PRO C 480 -7.25 -18.73 14.70
C PRO C 480 -6.22 -18.85 15.82
N VAL C 481 -6.63 -18.59 17.07
CA VAL C 481 -5.67 -18.58 18.17
C VAL C 481 -5.19 -20.00 18.50
N VAL C 482 -6.11 -20.97 18.48
CA VAL C 482 -5.72 -22.34 18.80
C VAL C 482 -4.91 -22.94 17.66
N ALA C 483 -5.21 -22.57 16.42
CA ALA C 483 -4.42 -23.03 15.27
C ALA C 483 -3.00 -22.48 15.31
N LYS C 484 -2.89 -21.19 15.65
CA LYS C 484 -1.59 -20.53 15.82
C LYS C 484 -0.76 -21.21 16.90
N SER C 485 -1.37 -21.48 18.05
CA SER C 485 -0.64 -22.09 19.16
C SER C 485 -0.22 -23.52 18.84
N VAL C 486 -1.08 -24.27 18.16
CA VAL C 486 -0.75 -25.66 17.84
C VAL C 486 0.37 -25.74 16.81
N ARG C 487 0.38 -24.85 15.80
CA ARG C 487 1.47 -24.96 14.82
C ARG C 487 2.79 -24.42 15.36
N GLN C 488 2.75 -23.47 16.31
CA GLN C 488 3.98 -23.10 17.02
C GLN C 488 4.51 -24.27 17.84
N ALA C 489 3.62 -25.01 18.50
CA ALA C 489 4.04 -26.18 19.27
C ALA C 489 4.57 -27.30 18.38
N ILE C 490 4.04 -27.42 17.16
CA ILE C 490 4.52 -28.45 16.25
C ILE C 490 5.92 -28.14 15.73
N LYS C 491 6.20 -26.87 15.43
CA LYS C 491 7.58 -26.47 15.11
C LYS C 491 8.53 -26.73 16.27
N ILE C 492 8.07 -26.44 17.51
CA ILE C 492 8.85 -26.74 18.71
C ILE C 492 9.22 -28.22 18.76
N VAL C 493 8.23 -29.10 18.55
CA VAL C 493 8.45 -30.54 18.65
C VAL C 493 9.40 -31.04 17.56
N ASN C 494 9.25 -30.49 16.34
CA ASN C 494 10.12 -30.90 15.23
C ASN C 494 11.58 -30.54 15.50
N ALA C 495 11.83 -29.30 15.95
CA ALA C 495 13.22 -28.92 16.24
C ALA C 495 13.75 -29.61 17.49
N ALA C 496 12.87 -29.95 18.45
CA ALA C 496 13.33 -30.63 19.66
C ALA C 496 13.73 -32.06 19.38
N ILE C 497 12.96 -32.78 18.57
CA ILE C 497 13.37 -34.14 18.23
C ILE C 497 14.45 -34.15 17.16
N LYS C 498 14.67 -33.04 16.47
CA LYS C 498 15.89 -32.92 15.69
C LYS C 498 17.10 -32.85 16.61
N GLU C 499 17.02 -32.05 17.67
CA GLU C 499 18.22 -31.76 18.44
C GLU C 499 18.56 -32.87 19.42
N TYR C 500 17.57 -33.51 20.04
CA TYR C 500 17.83 -34.49 21.09
C TYR C 500 17.37 -35.89 20.69
N GLY C 501 17.47 -36.24 19.41
CA GLY C 501 17.14 -37.57 18.93
C GLY C 501 15.64 -37.83 19.02
N ASP C 502 15.27 -39.09 18.94
CA ASP C 502 13.87 -39.42 19.13
C ASP C 502 13.55 -39.53 20.61
N PHE C 503 12.26 -39.41 20.93
CA PHE C 503 11.79 -39.38 22.30
C PHE C 503 11.03 -40.65 22.65
N ASP C 504 10.53 -40.67 23.88
CA ASP C 504 9.76 -41.78 24.41
C ASP C 504 8.40 -41.36 24.94
N ASN C 505 8.30 -40.18 25.52
CA ASN C 505 7.03 -39.69 26.06
C ASN C 505 6.87 -38.23 25.70
N ILE C 506 5.64 -37.85 25.35
CA ILE C 506 5.30 -36.49 24.95
C ILE C 506 4.01 -36.12 25.68
N VAL C 507 4.09 -35.17 26.60
CA VAL C 507 2.94 -34.78 27.42
C VAL C 507 2.60 -33.34 27.07
N ILE C 508 1.42 -33.14 26.47
CA ILE C 508 1.04 -31.82 25.99
C ILE C 508 -0.21 -31.32 26.72
N GLU C 509 -0.66 -30.12 26.36
CA GLU C 509 -1.93 -29.59 26.86
C GLU C 509 -2.91 -29.38 25.71
N ALA C 690 -10.64 -30.25 20.00
CA ALA C 690 -9.40 -29.51 19.81
C ALA C 690 -8.22 -30.28 20.40
N SER C 691 -8.37 -30.69 21.66
CA SER C 691 -7.31 -31.43 22.34
C SER C 691 -7.24 -32.86 21.81
N ARG C 692 -8.39 -33.51 21.64
CA ARG C 692 -8.43 -34.85 21.08
C ARG C 692 -8.03 -34.86 19.61
N VAL C 693 -8.14 -33.71 18.94
CA VAL C 693 -7.74 -33.59 17.52
C VAL C 693 -6.23 -33.72 17.38
N VAL C 694 -5.47 -32.87 18.09
CA VAL C 694 -4.02 -32.92 18.04
C VAL C 694 -3.51 -34.21 18.67
N LEU C 695 -4.25 -34.75 19.65
CA LEU C 695 -3.90 -36.04 20.25
C LEU C 695 -3.99 -37.16 19.22
N ASN C 696 -5.12 -37.24 18.49
CA ASN C 696 -5.32 -38.25 17.46
C ASN C 696 -4.32 -38.09 16.33
N ALA C 697 -3.98 -36.84 15.98
CA ALA C 697 -3.05 -36.61 14.89
C ALA C 697 -1.62 -37.03 15.25
N LEU C 698 -1.20 -36.76 16.49
CA LEU C 698 0.14 -37.18 16.91
C LEU C 698 0.23 -38.69 17.09
N GLN C 699 -0.84 -39.31 17.60
CA GLN C 699 -0.86 -40.78 17.68
C GLN C 699 -0.83 -41.42 16.29
N GLU C 700 -1.54 -40.84 15.32
CA GLU C 700 -1.50 -41.38 13.97
C GLU C 700 -0.15 -41.17 13.32
N HIS C 701 0.52 -40.05 13.62
CA HIS C 701 1.85 -39.81 13.06
C HIS C 701 2.87 -40.80 13.62
N PHE C 702 2.83 -41.06 14.92
CA PHE C 702 3.80 -42.00 15.47
C PHE C 702 3.44 -43.45 15.16
N ARG C 703 2.17 -43.75 14.91
CA ARG C 703 1.80 -45.12 14.58
C ARG C 703 2.06 -45.43 13.11
N ALA C 704 2.01 -44.41 12.24
CA ALA C 704 2.28 -44.64 10.82
C ALA C 704 3.76 -44.87 10.56
N HIS C 705 4.62 -44.15 11.28
CA HIS C 705 6.07 -44.23 11.09
C HIS C 705 6.74 -45.26 11.99
N LYS C 706 5.94 -46.17 12.59
CA LYS C 706 6.35 -47.24 13.52
C LYS C 706 7.33 -46.77 14.59
N ILE C 707 6.97 -45.69 15.27
CA ILE C 707 7.72 -45.17 16.40
C ILE C 707 6.84 -45.28 17.63
N ASP C 708 7.22 -46.15 18.57
CA ASP C 708 6.44 -46.37 19.78
C ASP C 708 6.75 -45.27 20.78
N THR C 709 5.83 -44.31 20.91
CA THR C 709 6.00 -43.17 21.80
C THR C 709 4.65 -42.86 22.41
N LYS C 710 4.63 -42.62 23.71
CA LYS C 710 3.40 -42.38 24.46
C LYS C 710 3.18 -40.87 24.55
N VAL C 711 2.16 -40.39 23.84
CA VAL C 711 1.74 -38.99 23.89
C VAL C 711 0.43 -38.92 24.67
N SER C 712 0.33 -37.93 25.55
CA SER C 712 -0.81 -37.81 26.45
C SER C 712 -1.22 -36.37 26.63
N VAL C 713 -2.53 -36.14 26.68
CA VAL C 713 -3.11 -34.84 26.94
C VAL C 713 -3.69 -34.85 28.35
N VAL C 714 -3.14 -34.01 29.23
CA VAL C 714 -3.62 -33.95 30.59
C VAL C 714 -4.39 -32.65 30.81
N GLU C 805 14.43 -19.89 37.78
CA GLU C 805 15.86 -20.18 37.69
C GLU C 805 16.53 -19.20 36.74
N ASP C 806 17.86 -19.23 36.69
CA ASP C 806 18.61 -18.33 35.83
C ASP C 806 18.60 -18.78 34.38
N SER C 807 18.66 -20.09 34.13
CA SER C 807 18.86 -20.61 32.79
C SER C 807 17.56 -20.82 32.03
N ILE C 808 16.52 -20.06 32.35
CA ILE C 808 15.30 -20.07 31.55
C ILE C 808 15.56 -19.22 30.31
N LEU C 809 15.86 -19.89 29.20
CA LEU C 809 16.05 -19.22 27.93
C LEU C 809 14.71 -18.77 27.36
N PHE C 810 14.76 -17.78 26.49
CA PHE C 810 13.59 -17.35 25.74
C PHE C 810 13.95 -17.28 24.26
N SER C 811 12.92 -17.33 23.42
CA SER C 811 13.08 -17.08 22.00
C SER C 811 11.79 -16.47 21.49
N TYR C 812 11.91 -15.43 20.69
CA TYR C 812 10.75 -14.67 20.24
C TYR C 812 10.53 -14.85 18.75
N GLN C 813 9.42 -14.29 18.27
CA GLN C 813 9.06 -14.33 16.86
C GLN C 813 9.35 -12.97 16.26
N VAL C 814 10.31 -12.92 15.35
CA VAL C 814 10.72 -11.67 14.73
C VAL C 814 9.67 -11.25 13.72
N ASP C 815 9.29 -9.97 13.75
CA ASP C 815 8.22 -9.43 12.91
C ASP C 815 8.84 -8.62 11.77
N SER C 816 8.69 -9.08 10.54
CA SER C 816 9.41 -8.44 9.45
C SER C 816 8.56 -8.27 8.19
N LYS C 817 7.25 -8.15 8.33
CA LYS C 817 6.37 -7.82 7.22
C LYS C 817 6.51 -6.33 6.91
N PHE C 818 6.36 -5.96 5.64
CA PHE C 818 6.79 -4.64 5.23
C PHE C 818 5.71 -3.79 4.56
N ASN C 819 4.44 -4.06 4.78
CA ASN C 819 3.41 -3.18 4.21
C ASN C 819 2.29 -2.95 5.22
N ARG C 820 2.64 -2.62 6.45
CA ARG C 820 1.59 -2.44 7.46
C ARG C 820 1.04 -1.02 7.37
N LYS C 821 0.25 -0.62 8.37
CA LYS C 821 -0.40 0.69 8.35
C LYS C 821 0.61 1.80 8.56
N ILE C 822 0.63 2.79 7.67
CA ILE C 822 1.75 3.70 7.64
C ILE C 822 1.62 4.85 8.63
N SER C 823 0.41 5.27 8.98
CA SER C 823 0.23 6.46 9.81
C SER C 823 -1.19 6.46 10.39
N ASP C 824 -1.52 7.53 11.11
CA ASP C 824 -2.89 7.74 11.55
C ASP C 824 -3.72 8.32 10.42
N ALA C 825 -5.03 8.38 10.62
CA ALA C 825 -5.96 8.63 9.51
C ALA C 825 -6.70 9.96 9.58
N THR C 826 -6.30 10.88 10.45
CA THR C 826 -6.90 12.22 10.48
C THR C 826 -5.98 13.18 9.77
N ILE C 827 -6.55 14.01 8.91
CA ILE C 827 -5.80 14.95 8.11
C ILE C 827 -5.78 16.29 8.83
N TYR C 828 -4.59 16.83 9.09
CA TYR C 828 -4.48 18.05 9.88
C TYR C 828 -4.12 19.23 8.99
N ALA C 829 -4.39 20.41 9.54
CA ALA C 829 -4.13 21.68 8.88
C ALA C 829 -3.26 22.55 9.76
N THR C 830 -2.32 23.25 9.14
CA THR C 830 -1.31 24.00 9.85
C THR C 830 -1.41 25.49 9.54
N ARG C 831 -1.05 26.32 10.51
CA ARG C 831 -1.01 27.76 10.33
C ARG C 831 0.34 28.27 10.81
N GLN C 832 0.65 29.51 10.48
CA GLN C 832 1.88 30.15 10.92
C GLN C 832 1.56 31.23 11.93
N ALA C 833 2.14 31.12 13.13
CA ALA C 833 1.77 32.01 14.22
C ALA C 833 2.92 32.12 15.21
N LYS C 834 2.68 32.91 16.27
CA LYS C 834 3.59 33.09 17.39
C LYS C 834 2.78 32.89 18.66
N VAL C 835 2.95 31.75 19.32
CA VAL C 835 2.22 31.43 20.54
C VAL C 835 3.21 31.23 21.66
N GLY C 836 2.98 31.91 22.78
CA GLY C 836 3.83 31.73 23.95
C GLY C 836 5.14 32.47 23.81
N LYS C 837 6.18 31.91 24.43
CA LYS C 837 7.52 32.49 24.37
C LYS C 837 8.12 32.16 23.02
N ASP C 838 7.75 32.95 22.03
CA ASP C 838 8.19 32.75 20.65
C ASP C 838 8.53 34.10 20.06
N LYS C 839 9.59 34.13 19.24
CA LYS C 839 10.07 35.39 18.68
C LYS C 839 9.89 35.51 17.18
N ALA C 840 9.67 34.41 16.48
CA ALA C 840 9.45 34.45 15.03
C ALA C 840 8.24 33.60 14.67
N ASP C 841 7.83 33.70 13.41
CA ASP C 841 6.66 32.96 12.94
C ASP C 841 7.02 31.50 12.75
N GLU C 842 6.24 30.60 13.35
CA GLU C 842 6.48 29.17 13.27
C GLU C 842 5.21 28.45 12.90
N THR C 843 5.37 27.24 12.37
CA THR C 843 4.25 26.44 11.87
C THR C 843 3.66 25.60 12.98
N TYR C 844 2.40 25.84 13.31
CA TYR C 844 1.65 25.15 14.34
C TYR C 844 0.58 24.29 13.70
N VAL C 845 0.19 23.22 14.40
CA VAL C 845 -0.87 22.33 13.97
C VAL C 845 -2.16 22.73 14.67
N LEU C 846 -3.25 22.82 13.93
CA LEU C 846 -4.52 23.23 14.50
C LEU C 846 -5.25 22.04 15.11
N GLY C 847 -5.98 22.33 16.19
CA GLY C 847 -6.90 21.39 16.78
C GLY C 847 -8.27 22.01 16.87
N LYS C 848 -9.32 21.20 16.94
CA LYS C 848 -10.67 21.73 16.84
C LYS C 848 -11.58 21.04 17.85
N ILE C 849 -12.42 21.83 18.52
CA ILE C 849 -13.44 21.31 19.43
C ILE C 849 -14.71 21.13 18.62
N LYS C 850 -15.13 19.88 18.40
CA LYS C 850 -16.23 19.62 17.48
C LYS C 850 -17.58 20.13 17.99
N ASP C 851 -17.93 19.85 19.24
CA ASP C 851 -19.18 20.35 19.80
C ASP C 851 -18.88 20.95 21.17
N ILE C 852 -19.14 22.26 21.33
CA ILE C 852 -18.94 22.91 22.62
C ILE C 852 -19.97 22.49 23.66
N TYR C 853 -21.24 22.29 23.25
CA TYR C 853 -22.33 22.06 24.20
C TYR C 853 -22.14 20.78 25.01
N THR C 854 -21.66 19.71 24.37
CA THR C 854 -21.44 18.43 25.03
C THR C 854 -20.42 18.59 26.16
N GLN C 855 -20.52 17.71 27.18
CA GLN C 855 -19.64 17.73 28.36
C GLN C 855 -18.15 17.72 27.99
N ASP C 856 -17.77 16.89 27.01
CA ASP C 856 -16.36 16.81 26.62
C ASP C 856 -15.88 18.09 25.97
N GLY C 857 -16.76 18.74 25.21
CA GLY C 857 -16.45 20.06 24.69
C GLY C 857 -16.22 21.09 25.78
N TYR C 858 -16.95 20.96 26.89
CA TYR C 858 -16.75 21.88 27.99
C TYR C 858 -15.44 21.61 28.72
N ASP C 859 -15.06 20.34 28.85
CA ASP C 859 -13.77 20.02 29.45
C ASP C 859 -12.63 20.53 28.59
N ALA C 860 -12.74 20.38 27.27
CA ALA C 860 -11.70 20.86 26.37
C ALA C 860 -11.61 22.38 26.39
N PHE C 861 -12.76 23.07 26.32
CA PHE C 861 -12.78 24.52 26.37
C PHE C 861 -12.23 25.04 27.68
N MET C 862 -12.50 24.34 28.79
CA MET C 862 -12.01 24.81 30.08
C MET C 862 -10.50 24.63 30.21
N LYS C 863 -9.96 23.52 29.70
CA LYS C 863 -8.50 23.34 29.75
C LYS C 863 -7.77 24.36 28.87
N ILE C 864 -8.27 24.60 27.66
CA ILE C 864 -7.64 25.61 26.80
C ILE C 864 -7.86 27.01 27.34
N TYR C 865 -8.97 27.23 28.06
CA TYR C 865 -9.25 28.55 28.63
C TYR C 865 -8.34 28.84 29.80
N LYS C 866 -8.08 27.84 30.64
CA LYS C 866 -7.22 28.04 31.80
C LYS C 866 -5.74 28.04 31.45
N LYS C 867 -5.34 27.40 30.35
CA LYS C 867 -3.94 27.45 29.97
C LYS C 867 -3.57 28.81 29.36
N ASP C 868 -4.19 29.15 28.23
CA ASP C 868 -3.91 30.40 27.53
C ASP C 868 -5.12 30.75 26.69
N LYS C 869 -5.65 31.95 26.89
CA LYS C 869 -6.85 32.37 26.17
C LYS C 869 -6.58 32.76 24.74
N SER C 870 -5.36 33.15 24.41
CA SER C 870 -5.02 33.63 23.08
C SER C 870 -4.71 32.50 22.12
N LYS C 871 -4.87 31.26 22.54
CA LYS C 871 -4.67 30.11 21.67
C LYS C 871 -5.87 29.82 20.79
N PHE C 872 -6.97 30.52 20.97
CA PHE C 872 -8.13 30.39 20.11
C PHE C 872 -7.98 31.32 18.92
N LEU C 873 -8.49 30.88 17.78
CA LEU C 873 -8.42 31.74 16.60
C LEU C 873 -9.48 32.83 16.64
N MET C 874 -10.58 32.61 17.37
CA MET C 874 -11.59 33.64 17.50
C MET C 874 -11.15 34.77 18.42
N TYR C 875 -10.24 34.48 19.35
CA TYR C 875 -9.70 35.53 20.22
C TYR C 875 -8.76 36.46 19.48
N ARG C 876 -8.27 36.09 18.31
CA ARG C 876 -7.37 36.93 17.55
C ARG C 876 -7.99 37.48 16.28
N HIS C 877 -9.21 37.06 15.92
CA HIS C 877 -9.89 37.62 14.77
C HIS C 877 -11.22 38.31 15.11
N ASP C 878 -11.78 38.07 16.29
CA ASP C 878 -13.06 38.66 16.68
C ASP C 878 -13.23 38.63 18.20
N PRO C 879 -12.73 39.64 18.93
CA PRO C 879 -12.87 39.62 20.40
C PRO C 879 -14.27 39.97 20.90
N GLN C 880 -15.11 40.60 20.09
CA GLN C 880 -16.48 40.92 20.51
C GLN C 880 -17.30 39.66 20.75
N THR C 881 -17.16 38.67 19.85
CA THR C 881 -17.80 37.39 20.06
C THR C 881 -17.17 36.67 21.24
N PHE C 882 -15.92 36.98 21.57
CA PHE C 882 -15.33 36.28 22.69
C PHE C 882 -15.81 36.83 24.02
N GLU C 883 -16.06 38.15 24.14
CA GLU C 883 -16.68 38.61 25.38
C GLU C 883 -18.15 38.16 25.46
N LYS C 884 -18.81 38.00 24.29
CA LYS C 884 -20.09 37.30 24.25
C LYS C 884 -19.98 35.87 24.78
N VAL C 885 -18.83 35.22 24.60
CA VAL C 885 -18.63 33.89 25.15
C VAL C 885 -18.31 33.96 26.65
N ILE C 886 -17.61 35.01 27.10
CA ILE C 886 -17.29 35.12 28.53
C ILE C 886 -18.53 35.43 29.37
N GLU C 887 -19.56 36.04 28.77
CA GLU C 887 -20.75 36.40 29.54
C GLU C 887 -21.53 35.22 30.16
N PRO C 888 -21.89 34.13 29.46
CA PRO C 888 -22.54 33.03 30.17
C PRO C 888 -21.58 32.20 30.99
N ILE C 889 -20.27 32.33 30.76
CA ILE C 889 -19.31 31.74 31.67
C ILE C 889 -19.34 32.48 33.00
N LEU C 890 -19.40 33.81 32.95
CA LEU C 890 -19.29 34.58 34.18
C LEU C 890 -20.61 34.60 34.96
N GLU C 891 -21.75 34.63 34.27
CA GLU C 891 -23.01 34.73 35.00
C GLU C 891 -23.44 33.41 35.62
N ASN C 892 -23.25 32.30 34.92
CA ASN C 892 -23.66 31.00 35.43
C ASN C 892 -22.61 30.38 36.35
N PRO C 909 -23.12 24.33 31.37
CA PRO C 909 -23.19 25.80 31.25
C PRO C 909 -23.70 26.25 29.88
N PHE C 910 -23.02 25.83 28.81
CA PHE C 910 -23.50 26.14 27.46
C PHE C 910 -24.78 25.37 27.14
N LEU C 911 -24.96 24.18 27.74
CA LEU C 911 -26.20 23.44 27.55
C LEU C 911 -27.38 24.16 28.20
N LYS C 912 -27.15 24.82 29.33
CA LYS C 912 -28.20 25.59 30.00
C LYS C 912 -28.60 26.80 29.17
N TYR C 913 -27.62 27.47 28.55
CA TYR C 913 -27.94 28.58 27.66
C TYR C 913 -28.62 28.10 26.40
N LYS C 914 -28.33 26.88 25.96
CA LYS C 914 -29.01 26.36 24.78
C LYS C 914 -30.46 26.01 25.08
N GLU C 915 -30.74 25.53 26.30
CA GLU C 915 -32.12 25.30 26.69
C GLU C 915 -32.87 26.62 26.89
N GLU C 916 -32.18 27.65 27.41
CA GLU C 916 -32.87 28.90 27.69
C GLU C 916 -33.11 29.74 26.45
N HIS C 917 -32.17 29.80 25.51
CA HIS C 917 -32.29 30.69 24.37
C HIS C 917 -31.98 30.08 23.00
N GLY C 918 -31.47 28.86 22.92
CA GLY C 918 -31.04 28.32 21.64
C GLY C 918 -29.55 28.43 21.43
N TYR C 919 -29.16 28.42 20.17
CA TYR C 919 -27.74 28.39 19.82
C TYR C 919 -27.07 29.73 20.07
N ILE C 920 -25.82 29.67 20.50
CA ILE C 920 -25.02 30.86 20.80
C ILE C 920 -24.66 31.57 19.49
N ARG C 921 -25.14 32.79 19.33
CA ARG C 921 -24.98 33.47 18.06
C ARG C 921 -23.69 34.29 18.02
N LYS C 922 -23.24 34.57 16.80
CA LYS C 922 -22.11 35.47 16.58
C LYS C 922 -22.59 36.91 16.68
N TYR C 923 -21.84 37.73 17.40
CA TYR C 923 -22.24 39.11 17.68
C TYR C 923 -22.28 39.95 16.40
N SER C 924 -23.39 40.65 16.19
CA SER C 924 -23.51 41.62 15.11
C SER C 924 -24.24 42.85 15.65
N LYS C 925 -24.44 43.83 14.78
CA LYS C 925 -25.20 45.02 15.17
C LYS C 925 -26.68 44.74 15.31
N LYS C 926 -27.17 43.66 14.72
CA LYS C 926 -28.53 43.17 14.88
C LYS C 926 -28.46 41.76 15.44
N GLY C 927 -29.60 41.10 15.51
CA GLY C 927 -29.61 39.72 15.95
C GLY C 927 -29.64 38.70 14.82
N ASN C 928 -28.81 38.90 13.79
CA ASN C 928 -28.90 38.09 12.59
C ASN C 928 -27.67 37.25 12.29
N GLY C 929 -26.62 37.35 13.11
CA GLY C 929 -25.37 36.67 12.82
C GLY C 929 -25.46 35.17 12.91
N PRO C 930 -24.41 34.47 12.44
CA PRO C 930 -24.43 33.00 12.50
C PRO C 930 -24.26 32.48 13.91
N GLU C 931 -24.35 31.17 14.08
CA GLU C 931 -24.24 30.58 15.40
C GLU C 931 -22.92 29.83 15.54
N ILE C 932 -22.61 29.45 16.77
CA ILE C 932 -21.34 28.80 17.10
C ILE C 932 -21.66 27.37 17.48
N LYS C 933 -20.92 26.44 16.89
CA LYS C 933 -20.94 25.04 17.31
C LYS C 933 -19.56 24.44 17.49
N SER C 934 -18.51 25.07 16.99
CA SER C 934 -17.16 24.51 17.03
C SER C 934 -16.14 25.63 17.09
N LEU C 935 -14.95 25.30 17.56
CA LEU C 935 -13.88 26.29 17.71
C LEU C 935 -12.54 25.65 17.44
N LYS C 936 -11.69 26.36 16.69
CA LYS C 936 -10.34 25.92 16.41
C LYS C 936 -9.34 26.53 17.39
N TYR C 937 -8.20 25.88 17.55
CA TYR C 937 -7.12 26.40 18.39
C TYR C 937 -5.78 25.88 17.88
N TYR C 938 -4.71 26.42 18.44
CA TYR C 938 -3.34 26.06 18.08
C TYR C 938 -2.86 24.95 19.01
N ASP C 939 -2.73 23.73 18.50
CA ASP C 939 -2.38 22.61 19.37
C ASP C 939 -0.92 22.64 19.80
N SER C 940 0.00 22.49 18.86
CA SER C 940 1.42 22.35 19.19
C SER C 940 2.22 22.64 17.93
N LYS C 941 3.53 22.46 18.02
CA LYS C 941 4.36 22.72 16.86
C LYS C 941 4.34 21.51 15.93
N LEU C 942 4.96 21.69 14.77
CA LEU C 942 4.99 20.66 13.74
C LEU C 942 6.28 19.88 13.85
N GLY C 943 6.16 18.55 13.92
CA GLY C 943 7.32 17.70 14.05
C GLY C 943 7.52 16.74 12.90
N ASN C 944 7.30 15.46 13.16
CA ASN C 944 7.44 14.42 12.14
C ASN C 944 6.10 14.21 11.46
N HIS C 945 6.08 14.28 10.14
CA HIS C 945 4.83 14.23 9.39
C HIS C 945 5.06 13.68 8.00
N ILE C 946 3.98 13.54 7.25
CA ILE C 946 3.98 13.29 5.81
C ILE C 946 3.18 14.41 5.17
N ASP C 947 3.78 15.11 4.23
CA ASP C 947 3.20 16.33 3.67
C ASP C 947 2.38 15.99 2.43
N ILE C 948 1.05 16.09 2.55
CA ILE C 948 0.16 15.76 1.44
C ILE C 948 -0.55 17.02 0.94
N THR C 949 0.11 18.17 1.07
CA THR C 949 -0.46 19.47 0.73
C THR C 949 -0.94 19.53 -0.71
N PRO C 950 -2.19 19.92 -0.95
CA PRO C 950 -2.71 19.96 -2.33
C PRO C 950 -2.02 21.01 -3.18
N LYS C 951 -2.33 20.98 -4.47
CA LYS C 951 -1.56 21.74 -5.44
C LYS C 951 -1.80 23.25 -5.31
N ASP C 952 -3.05 23.65 -5.09
CA ASP C 952 -3.41 25.06 -5.07
C ASP C 952 -3.74 25.55 -3.66
N SER C 953 -3.18 24.89 -2.65
CA SER C 953 -3.33 25.34 -1.28
C SER C 953 -2.34 26.47 -1.00
N ASN C 954 -2.39 27.01 0.21
CA ASN C 954 -1.36 27.93 0.66
C ASN C 954 -0.83 27.62 2.04
N ASN C 955 -1.49 26.74 2.80
CA ASN C 955 -1.00 26.28 4.09
C ASN C 955 -0.71 24.79 4.01
N LYS C 956 0.26 24.35 4.79
CA LYS C 956 0.70 22.97 4.74
C LYS C 956 -0.34 22.06 5.38
N VAL C 957 -0.62 20.93 4.75
CA VAL C 957 -1.63 19.97 5.19
C VAL C 957 -0.96 18.63 5.37
N VAL C 958 -1.06 18.04 6.56
CA VAL C 958 -0.16 16.95 6.94
C VAL C 958 -0.91 15.74 7.49
N LEU C 959 -0.23 14.60 7.44
CA LEU C 959 -0.55 13.40 8.20
C LEU C 959 0.50 13.18 9.28
N GLN C 960 0.07 12.72 10.44
CA GLN C 960 0.95 12.64 11.60
C GLN C 960 1.04 11.22 12.13
N SER C 961 1.98 11.04 13.07
CA SER C 961 2.19 9.80 13.83
C SER C 961 2.48 8.60 12.94
N VAL C 962 3.58 8.67 12.23
CA VAL C 962 4.02 7.65 11.30
C VAL C 962 4.91 6.64 12.02
N SER C 963 4.71 5.34 11.74
CA SER C 963 5.15 4.11 12.39
C SER C 963 6.45 3.56 11.78
N PRO C 964 7.33 2.97 12.60
CA PRO C 964 8.63 2.51 12.10
C PRO C 964 8.68 1.04 11.70
N TRP C 965 9.69 0.65 10.93
CA TRP C 965 9.82 -0.73 10.48
C TRP C 965 11.10 -1.41 10.93
N ARG C 966 12.28 -0.85 10.66
CA ARG C 966 13.53 -1.53 10.98
C ARG C 966 14.65 -0.51 11.10
N ALA C 967 15.80 -0.98 11.59
CA ALA C 967 16.99 -0.15 11.76
C ALA C 967 18.21 -0.84 11.19
N ASP C 968 19.20 -0.05 10.79
CA ASP C 968 20.46 -0.54 10.23
C ASP C 968 21.63 0.01 11.03
N VAL C 969 22.42 -0.87 11.63
CA VAL C 969 23.46 -0.44 12.57
C VAL C 969 24.79 -0.34 11.83
N TYR C 970 25.41 0.83 11.88
CA TYR C 970 26.69 1.12 11.25
C TYR C 970 27.77 1.36 12.28
N PHE C 971 29.02 1.40 11.82
CA PHE C 971 30.18 1.60 12.68
C PHE C 971 31.30 2.18 11.83
N ASN C 972 32.01 3.18 12.36
CA ASN C 972 33.07 3.81 11.59
C ASN C 972 34.37 3.88 12.37
N LYS C 973 35.47 3.64 11.66
CA LYS C 973 36.81 3.59 12.25
C LYS C 973 37.49 4.97 12.11
N THR C 974 36.82 5.95 12.63
CA THR C 974 37.42 7.27 12.76
C THR C 974 37.23 7.83 14.15
N THR C 975 36.05 7.61 14.74
CA THR C 975 35.75 8.02 16.09
C THR C 975 35.38 6.85 16.98
N GLY C 976 35.13 5.67 16.42
CA GLY C 976 34.94 4.48 17.22
C GLY C 976 33.57 4.32 17.83
N LYS C 977 32.53 4.88 17.23
CA LYS C 977 31.20 4.80 17.80
C LYS C 977 30.20 4.32 16.76
N TYR C 978 29.08 3.80 17.26
CA TYR C 978 28.05 3.18 16.44
C TYR C 978 26.99 4.18 16.06
N GLU C 979 26.40 3.97 14.88
CA GLU C 979 25.46 4.87 14.27
C GLU C 979 24.25 4.08 13.82
N ILE C 980 23.06 4.68 13.83
CA ILE C 980 21.82 3.92 13.69
C ILE C 980 20.88 4.64 12.72
N LEU C 981 20.48 3.95 11.65
CA LEU C 981 19.45 4.41 10.73
C LEU C 981 18.08 4.07 11.26
N GLY C 982 17.08 4.77 10.74
CA GLY C 982 15.70 4.40 10.98
C GLY C 982 14.85 4.47 9.74
N LEU C 983 14.32 3.33 9.31
CA LEU C 983 13.40 3.29 8.18
C LEU C 983 11.98 3.10 8.70
N LYS C 984 11.03 3.73 8.05
CA LYS C 984 9.62 3.61 8.40
C LYS C 984 8.87 2.85 7.33
N TYR C 985 7.59 2.59 7.60
CA TYR C 985 6.77 1.91 6.61
C TYR C 985 6.47 2.79 5.43
N ALA C 986 6.48 4.11 5.63
CA ALA C 986 6.15 5.05 4.59
C ALA C 986 7.37 5.45 3.76
N ASP C 987 8.52 4.87 4.04
CA ASP C 987 9.72 5.18 3.25
C ASP C 987 9.81 4.33 1.99
N LEU C 988 9.18 3.17 1.97
CA LEU C 988 9.15 2.33 0.79
C LEU C 988 8.07 2.82 -0.16
N GLN C 989 8.02 2.24 -1.35
CA GLN C 989 7.24 2.82 -2.43
C GLN C 989 7.02 1.78 -3.51
N PHE C 990 5.83 1.79 -4.11
CA PHE C 990 5.65 1.08 -5.37
C PHE C 990 6.42 1.82 -6.45
N GLU C 991 7.40 1.16 -7.06
CA GLU C 991 8.30 1.85 -7.98
C GLU C 991 7.60 2.15 -9.30
N LYS C 992 8.13 3.14 -10.00
CA LYS C 992 7.39 3.83 -11.05
C LYS C 992 7.35 3.10 -12.38
N GLY C 993 8.16 2.09 -12.60
CA GLY C 993 8.12 1.45 -13.90
C GLY C 993 7.35 0.15 -13.91
N THR C 994 7.70 -0.72 -12.96
CA THR C 994 7.19 -2.08 -12.92
C THR C 994 6.20 -2.33 -11.80
N GLY C 995 6.26 -1.55 -10.73
CA GLY C 995 5.37 -1.73 -9.62
C GLY C 995 5.90 -2.54 -8.47
N THR C 996 7.21 -2.78 -8.41
CA THR C 996 7.77 -3.50 -7.29
C THR C 996 7.81 -2.61 -6.06
N TYR C 997 7.69 -3.23 -4.89
CA TYR C 997 7.64 -2.51 -3.63
C TYR C 997 9.04 -2.58 -3.03
N LYS C 998 9.81 -1.50 -3.16
CA LYS C 998 11.14 -1.46 -2.60
C LYS C 998 11.55 -0.02 -2.38
N ILE C 999 12.70 0.16 -1.73
CA ILE C 999 13.27 1.47 -1.45
C ILE C 999 14.45 1.69 -2.38
N SER C 1000 14.43 2.83 -3.08
CA SER C 1000 15.45 3.14 -4.06
C SER C 1000 16.74 3.54 -3.37
N GLN C 1001 17.82 3.63 -4.15
CA GLN C 1001 19.13 3.78 -3.51
C GLN C 1001 19.49 5.24 -3.26
N GLU C 1002 19.04 6.16 -4.10
CA GLU C 1002 19.33 7.56 -3.84
C GLU C 1002 18.54 8.06 -2.65
N LYS C 1003 17.31 7.56 -2.49
CA LYS C 1003 16.53 7.89 -1.29
C LYS C 1003 17.16 7.30 -0.05
N TYR C 1004 17.76 6.12 -0.17
CA TYR C 1004 18.45 5.53 0.97
C TYR C 1004 19.69 6.34 1.35
N ASN C 1005 20.40 6.89 0.36
CA ASN C 1005 21.53 7.75 0.69
C ASN C 1005 21.08 9.08 1.27
N ASP C 1006 19.87 9.54 0.93
CA ASP C 1006 19.29 10.71 1.59
C ASP C 1006 18.99 10.43 3.07
N ILE C 1007 18.45 9.25 3.37
CA ILE C 1007 18.21 8.90 4.76
C ILE C 1007 19.53 8.67 5.50
N LYS C 1008 20.57 8.22 4.80
CA LYS C 1008 21.88 8.05 5.43
C LYS C 1008 22.54 9.40 5.73
N LYS C 1009 22.35 10.38 4.86
CA LYS C 1009 22.80 11.74 5.14
C LYS C 1009 22.07 12.33 6.33
N LYS C 1010 20.77 12.14 6.37
CA LYS C 1010 19.91 12.80 7.35
C LYS C 1010 20.12 12.24 8.75
N GLU C 1011 20.27 10.92 8.88
CA GLU C 1011 20.35 10.27 10.17
C GLU C 1011 21.75 10.28 10.76
N GLY C 1012 22.67 11.05 10.20
CA GLY C 1012 23.95 11.26 10.82
C GLY C 1012 24.93 10.13 10.69
N VAL C 1013 25.04 9.53 9.51
CA VAL C 1013 25.94 8.41 9.28
C VAL C 1013 26.93 8.81 8.19
N ASP C 1014 28.22 8.73 8.51
CA ASP C 1014 29.25 9.05 7.53
C ASP C 1014 29.34 7.94 6.49
N SER C 1015 29.81 8.30 5.30
CA SER C 1015 29.82 7.39 4.17
C SER C 1015 30.99 6.44 4.16
N ASP C 1016 31.96 6.59 5.08
CA ASP C 1016 33.07 5.66 5.21
C ASP C 1016 32.85 4.63 6.31
N SER C 1017 31.60 4.30 6.61
CA SER C 1017 31.26 3.43 7.73
C SER C 1017 30.87 2.06 7.19
N GLU C 1018 31.41 1.01 7.80
CA GLU C 1018 31.01 -0.33 7.42
C GLU C 1018 29.63 -0.64 7.97
N PHE C 1019 28.89 -1.45 7.23
CA PHE C 1019 27.54 -1.84 7.61
C PHE C 1019 27.62 -3.11 8.45
N LYS C 1020 27.06 -3.08 9.65
CA LYS C 1020 27.21 -4.21 10.55
C LYS C 1020 26.07 -5.23 10.40
N PHE C 1021 24.84 -4.81 10.68
CA PHE C 1021 23.68 -5.71 10.58
C PHE C 1021 22.40 -4.89 10.52
N THR C 1022 21.28 -5.61 10.47
CA THR C 1022 19.94 -5.08 10.39
C THR C 1022 19.14 -5.59 11.58
N LEU C 1023 18.20 -4.79 12.07
CA LEU C 1023 17.42 -5.14 13.23
C LEU C 1023 15.95 -4.90 12.95
N TYR C 1024 15.12 -5.90 13.24
CA TYR C 1024 13.68 -5.85 13.11
C TYR C 1024 13.03 -5.78 14.48
N LYS C 1025 11.71 -5.83 14.51
CA LYS C 1025 10.99 -5.83 15.78
C LYS C 1025 11.16 -7.18 16.45
N ASN C 1026 11.33 -7.15 17.78
CA ASN C 1026 11.56 -8.33 18.65
C ASN C 1026 12.83 -9.08 18.27
N ASP C 1027 13.80 -8.40 17.68
CA ASP C 1027 15.09 -9.01 17.35
C ASP C 1027 16.04 -8.75 18.50
N LEU C 1028 16.72 -9.79 18.96
CA LEU C 1028 17.50 -9.66 20.17
C LEU C 1028 18.84 -8.99 19.92
N LEU C 1029 19.33 -8.32 20.95
CA LEU C 1029 20.42 -7.37 20.81
C LEU C 1029 21.31 -7.44 22.05
N LEU C 1030 22.62 -7.34 21.86
CA LEU C 1030 23.57 -7.46 22.95
C LEU C 1030 24.36 -6.16 23.07
N VAL C 1031 24.28 -5.51 24.23
CA VAL C 1031 25.00 -4.27 24.50
C VAL C 1031 26.05 -4.56 25.56
N LYS C 1032 27.29 -4.18 25.28
CA LYS C 1032 28.43 -4.50 26.12
C LYS C 1032 29.25 -3.25 26.38
N ASP C 1033 29.70 -3.08 27.62
CA ASP C 1033 30.61 -2.01 27.98
C ASP C 1033 32.04 -2.44 27.66
N THR C 1034 32.92 -1.45 27.43
CA THR C 1034 34.25 -1.73 26.94
C THR C 1034 35.37 -1.35 27.92
N GLU C 1035 35.04 -0.93 29.13
CA GLU C 1035 36.08 -0.72 30.13
C GLU C 1035 35.76 -1.47 31.43
N THR C 1036 34.48 -1.70 31.69
CA THR C 1036 34.07 -2.47 32.85
C THR C 1036 33.52 -3.85 32.49
N LYS C 1037 33.22 -4.08 31.21
CA LYS C 1037 32.92 -5.39 30.64
C LYS C 1037 31.67 -6.02 31.26
N GLU C 1038 30.67 -5.20 31.51
CA GLU C 1038 29.34 -5.68 31.87
C GLU C 1038 28.43 -5.63 30.65
N GLN C 1039 27.54 -6.61 30.55
CA GLN C 1039 26.75 -6.79 29.35
C GLN C 1039 25.29 -7.03 29.71
N GLN C 1040 24.41 -6.64 28.80
CA GLN C 1040 23.01 -6.97 28.93
C GLN C 1040 22.41 -7.09 27.54
N LEU C 1041 21.46 -8.00 27.39
CA LEU C 1041 20.82 -8.22 26.11
C LEU C 1041 19.35 -7.86 26.21
N PHE C 1042 18.83 -7.24 25.15
CA PHE C 1042 17.54 -6.61 25.10
C PHE C 1042 16.77 -7.07 23.89
N ARG C 1043 15.52 -6.62 23.80
CA ARG C 1043 14.68 -6.76 22.62
C ARG C 1043 14.58 -5.38 21.97
N PHE C 1044 14.83 -5.30 20.68
CA PHE C 1044 14.62 -4.06 19.95
C PHE C 1044 13.13 -3.77 19.85
N LEU C 1045 12.75 -2.50 19.88
CA LEU C 1045 11.39 -2.14 19.47
C LEU C 1045 11.38 -1.18 18.29
N SER C 1046 12.01 -0.02 18.40
CA SER C 1046 11.85 1.01 17.41
C SER C 1046 13.03 1.96 17.47
N ARG C 1047 13.05 2.90 16.55
CA ARG C 1047 13.94 4.05 16.58
C ARG C 1047 13.07 5.28 16.85
N THR C 1048 13.10 5.77 18.08
CA THR C 1048 12.21 6.81 18.57
C THR C 1048 12.86 8.18 18.46
N MET C 1049 12.00 9.21 18.48
CA MET C 1049 12.33 10.62 18.53
C MET C 1049 13.26 11.03 17.39
N PRO C 1050 12.76 11.20 16.16
CA PRO C 1050 13.64 11.46 15.02
C PRO C 1050 14.46 12.75 15.09
N LYS C 1051 14.18 13.67 16.01
CA LYS C 1051 15.06 14.82 16.18
C LYS C 1051 16.38 14.42 16.84
N GLN C 1052 16.33 13.55 17.83
CA GLN C 1052 17.51 13.13 18.56
C GLN C 1052 18.17 11.96 17.87
N LYS C 1053 19.46 12.08 17.60
CA LYS C 1053 20.16 11.05 16.85
C LYS C 1053 20.51 9.87 17.74
N HIS C 1054 20.38 8.67 17.18
CA HIS C 1054 20.80 7.40 17.78
C HIS C 1054 20.07 7.09 19.09
N TYR C 1055 18.78 7.41 19.15
CA TYR C 1055 17.93 6.99 20.25
C TYR C 1055 17.14 5.76 19.87
N VAL C 1056 17.06 4.81 20.79
CA VAL C 1056 16.46 3.51 20.54
C VAL C 1056 15.56 3.18 21.73
N GLU C 1057 14.36 2.68 21.43
CA GLU C 1057 13.47 2.15 22.46
C GLU C 1057 13.64 0.64 22.59
N LEU C 1058 13.90 0.19 23.81
CA LEU C 1058 14.19 -1.21 24.04
C LEU C 1058 13.13 -1.79 24.96
N LYS C 1059 12.86 -3.08 24.81
CA LYS C 1059 11.94 -3.83 25.64
C LYS C 1059 12.72 -4.94 26.32
N PRO C 1060 12.29 -5.39 27.50
CA PRO C 1060 13.10 -6.35 28.25
C PRO C 1060 13.10 -7.73 27.63
N TYR C 1061 14.04 -8.54 28.11
CA TYR C 1061 14.22 -9.90 27.64
C TYR C 1061 13.46 -10.90 28.50
N ASP C 1062 13.08 -10.50 29.72
CA ASP C 1062 12.45 -11.39 30.68
C ASP C 1062 10.97 -11.15 30.88
N LYS C 1063 10.41 -10.06 30.37
CA LYS C 1063 9.00 -9.76 30.57
C LYS C 1063 8.55 -8.86 29.42
N GLN C 1064 7.29 -8.49 29.45
CA GLN C 1064 6.72 -7.71 28.36
C GLN C 1064 6.83 -6.20 28.59
N LYS C 1065 7.11 -5.77 29.80
CA LYS C 1065 7.06 -4.35 30.14
C LYS C 1065 8.03 -4.09 31.30
N PHE C 1066 8.71 -2.94 31.27
CA PHE C 1066 9.70 -2.64 32.29
C PHE C 1066 9.05 -2.26 33.62
N GLU C 1067 7.93 -1.54 33.58
CA GLU C 1067 7.19 -0.95 34.71
C GLU C 1067 7.98 0.13 35.47
N GLY C 1068 9.18 0.46 35.01
CA GLY C 1068 9.84 1.69 35.44
C GLY C 1068 10.65 1.65 36.71
N GLY C 1069 11.91 2.08 36.64
CA GLY C 1069 12.72 2.36 37.81
C GLY C 1069 14.00 1.57 37.91
N GLU C 1070 14.05 0.37 37.33
CA GLU C 1070 15.18 -0.51 37.60
C GLU C 1070 16.44 -0.08 36.86
N ALA C 1071 17.53 -0.78 37.15
CA ALA C 1071 18.88 -0.37 36.78
C ALA C 1071 19.42 -1.25 35.67
N LEU C 1072 19.84 -0.61 34.58
CA LEU C 1072 20.48 -1.26 33.46
C LEU C 1072 22.00 -1.22 33.69
N ILE C 1073 22.78 -1.41 32.61
CA ILE C 1073 24.22 -1.25 32.67
C ILE C 1073 24.55 0.20 33.07
N LYS C 1074 25.68 0.37 33.75
CA LYS C 1074 26.07 1.67 34.32
C LYS C 1074 26.18 2.74 33.24
N VAL C 1075 26.77 2.41 32.10
CA VAL C 1075 26.87 3.37 31.00
C VAL C 1075 25.48 3.75 30.46
N LEU C 1076 24.58 2.76 30.33
CA LEU C 1076 23.28 3.00 29.72
C LEU C 1076 22.38 3.91 30.57
N GLY C 1077 22.37 3.75 31.89
CA GLY C 1077 21.51 4.54 32.76
C GLY C 1077 20.37 3.74 33.36
N ASN C 1078 19.43 4.49 33.94
CA ASN C 1078 18.28 3.93 34.64
C ASN C 1078 17.01 4.11 33.80
N VAL C 1079 16.15 3.09 33.84
CA VAL C 1079 14.90 3.10 33.08
C VAL C 1079 13.99 4.18 33.65
N ALA C 1080 13.26 4.87 32.78
CA ALA C 1080 12.50 6.05 33.15
C ALA C 1080 11.36 5.65 34.09
N ASN C 1081 10.91 6.64 34.87
CA ASN C 1081 9.90 6.43 35.91
C ASN C 1081 8.54 6.07 35.35
N SER C 1082 8.26 6.42 34.10
CA SER C 1082 6.94 6.14 33.56
C SER C 1082 6.82 4.74 32.99
N GLY C 1083 7.89 4.19 32.43
CA GLY C 1083 7.82 2.81 31.97
C GLY C 1083 8.47 2.54 30.64
N GLN C 1084 8.75 3.57 29.85
CA GLN C 1084 9.35 3.42 28.54
C GLN C 1084 10.85 3.64 28.62
N CYS C 1085 11.62 2.70 28.07
CA CYS C 1085 13.07 2.82 28.03
C CYS C 1085 13.49 3.25 26.63
N LYS C 1086 13.96 4.50 26.53
CA LYS C 1086 14.46 5.05 25.28
C LYS C 1086 15.81 5.69 25.58
N LYS C 1087 16.88 5.05 25.12
CA LYS C 1087 18.22 5.42 25.52
C LYS C 1087 19.05 5.75 24.29
N GLY C 1088 20.22 6.33 24.54
CA GLY C 1088 21.10 6.74 23.46
C GLY C 1088 22.25 5.77 23.28
N LEU C 1089 22.23 5.04 22.18
CA LEU C 1089 23.25 4.04 21.92
C LEU C 1089 24.40 4.57 21.09
N GLY C 1090 24.31 5.80 20.60
CA GLY C 1090 25.39 6.38 19.82
C GLY C 1090 26.39 7.12 20.69
N LYS C 1091 26.88 6.43 21.71
CA LYS C 1091 27.86 6.98 22.63
C LYS C 1091 29.23 6.43 22.28
N SER C 1092 30.23 6.85 23.04
CA SER C 1092 31.55 6.25 22.96
C SER C 1092 31.66 5.16 23.99
N ASN C 1093 32.66 4.29 23.79
CA ASN C 1093 33.01 3.19 24.70
C ASN C 1093 31.84 2.24 24.94
N ILE C 1094 31.41 1.60 23.84
CA ILE C 1094 30.28 0.68 23.87
C ILE C 1094 30.47 -0.29 22.72
N SER C 1095 29.76 -1.42 22.76
CA SER C 1095 29.83 -2.38 21.68
C SER C 1095 28.48 -3.07 21.53
N ILE C 1096 28.08 -3.34 20.29
CA ILE C 1096 26.74 -3.84 19.99
C ILE C 1096 26.84 -5.06 19.08
N TYR C 1097 26.21 -6.16 19.49
CA TYR C 1097 26.14 -7.38 18.70
C TYR C 1097 24.68 -7.80 18.50
N LYS C 1098 24.45 -8.64 17.49
CA LYS C 1098 23.13 -9.20 17.21
C LYS C 1098 23.02 -10.58 17.82
N VAL C 1099 21.84 -10.96 18.25
CA VAL C 1099 21.62 -12.27 18.87
C VAL C 1099 20.54 -12.99 18.07
N ARG C 1100 20.91 -13.98 17.27
CA ARG C 1100 19.91 -14.84 16.67
C ARG C 1100 19.74 -16.11 17.48
N THR C 1101 18.50 -16.40 17.85
CA THR C 1101 18.16 -17.56 18.66
C THR C 1101 17.26 -18.47 17.85
N ASP C 1102 17.55 -19.77 17.89
CA ASP C 1102 16.69 -20.72 17.23
C ASP C 1102 15.44 -20.98 18.06
N VAL C 1103 14.61 -21.91 17.58
CA VAL C 1103 13.26 -22.07 18.10
C VAL C 1103 13.32 -22.63 19.52
N LEU C 1104 14.34 -23.44 19.81
CA LEU C 1104 14.55 -23.93 21.17
C LEU C 1104 15.18 -22.90 22.09
N GLY C 1105 15.77 -21.84 21.55
CA GLY C 1105 16.27 -20.74 22.36
C GLY C 1105 17.74 -20.72 22.64
N ASN C 1106 18.57 -21.28 21.76
CA ASN C 1106 20.02 -21.25 21.93
C ASN C 1106 20.59 -20.01 21.26
N GLN C 1107 21.36 -19.23 22.01
CA GLN C 1107 21.88 -17.98 21.53
C GLN C 1107 22.97 -18.18 20.48
N HIS C 1108 23.02 -17.30 19.50
CA HIS C 1108 24.08 -17.29 18.49
C HIS C 1108 24.43 -15.83 18.22
N ILE C 1109 25.57 -15.39 18.75
CA ILE C 1109 25.95 -13.99 18.79
C ILE C 1109 26.76 -13.63 17.55
N ILE C 1110 26.31 -12.59 16.83
CA ILE C 1110 26.81 -12.20 15.52
C ILE C 1110 27.34 -10.77 15.61
N LYS C 1111 28.41 -10.48 14.87
CA LYS C 1111 29.03 -9.16 14.81
C LYS C 1111 28.92 -8.50 13.44
N ASN C 1112 28.90 -9.26 12.36
CA ASN C 1112 28.82 -8.72 11.01
C ASN C 1112 28.04 -9.70 10.16
N GLU C 1113 26.91 -9.25 9.62
CA GLU C 1113 25.95 -10.15 8.98
C GLU C 1113 25.65 -9.66 7.56
N GLY C 1114 26.68 -9.42 6.79
CA GLY C 1114 26.49 -9.15 5.39
C GLY C 1114 27.37 -8.02 4.87
N ASP C 1115 27.32 -7.76 3.57
CA ASP C 1115 28.16 -6.74 2.96
C ASP C 1115 27.43 -5.47 2.57
N LYS C 1116 26.11 -5.51 2.43
CA LYS C 1116 25.33 -4.35 2.06
C LYS C 1116 23.92 -4.58 2.58
N PRO C 1117 23.18 -3.52 2.90
CA PRO C 1117 21.81 -3.73 3.41
C PRO C 1117 20.89 -4.27 2.34
N LYS C 1118 19.93 -5.08 2.77
CA LYS C 1118 19.03 -5.77 1.86
C LYS C 1118 17.87 -4.84 1.54
N LEU C 1119 17.81 -4.36 0.30
CA LEU C 1119 16.76 -3.44 -0.10
C LEU C 1119 15.85 -3.97 -1.19
N ASP C 1120 16.21 -5.08 -1.85
CA ASP C 1120 15.39 -5.71 -2.88
C ASP C 1120 14.89 -7.04 -2.34
N PHE C 1121 13.59 -7.29 -2.47
CA PHE C 1121 13.03 -8.52 -1.92
C PHE C 1121 12.55 -9.43 -3.03
#